data_1YQF
#
_entry.id   1YQF
#
_cell.length_a   64.738
_cell.length_b   113.910
_cell.length_c   87.858
_cell.angle_alpha   90.000
_cell.angle_beta   90.489
_cell.angle_gamma   90.000
#
_symmetry.space_group_name_H-M   'P 1 21 1'
#
loop_
_entity.id
_entity.type
_entity.pdbx_description
1 polymer 'hypothetical protein Lmaj011689'
2 water water
#
_entity_poly.entity_id   1
_entity_poly.type   'polypeptide(L)'
_entity_poly.pdbx_seq_one_letter_code
;MAHHHHHHMSAPTALTVPRRSASDAALADATRRELEEEMGRSDKPEQPTPPAGWQVVRKPGTCTFDLTKSFEGEDLVVRY
STNQDSDKANSHNIFVYITQKNGQTMQADLSIEEGELVLNNIRFYDEAALAKDTGAEAEAKRNELYTGPLVHELDYDLLN
CVMTYLEKRGVDEKLGEFVVLYSFWAEQQDYEAWLTTMNKFAS
;
_entity_poly.pdbx_strand_id   A,B,C,D,E,F
#
# COMPACT_ATOMS: atom_id res chain seq x y z
N ALA A 22 42.92 47.65 13.79
CA ALA A 22 42.51 46.40 14.48
C ALA A 22 41.55 45.60 13.61
N SER A 23 41.71 44.28 13.59
CA SER A 23 40.86 43.40 12.80
C SER A 23 39.44 43.33 13.37
N ASP A 24 39.33 43.31 14.69
CA ASP A 24 38.02 43.32 15.35
C ASP A 24 37.28 44.66 15.23
N ALA A 25 37.96 45.67 14.68
CA ALA A 25 37.34 46.95 14.37
C ALA A 25 36.74 46.94 12.97
N ALA A 26 37.37 46.22 12.05
CA ALA A 26 36.85 46.05 10.69
C ALA A 26 35.65 45.11 10.68
N LEU A 27 35.60 44.20 11.65
CA LEU A 27 34.44 43.32 11.80
C LEU A 27 33.26 44.15 12.29
N ALA A 28 33.50 45.04 13.26
CA ALA A 28 32.47 45.95 13.76
C ALA A 28 31.84 46.77 12.64
N ASP A 29 32.69 47.36 11.80
CA ASP A 29 32.24 48.14 10.65
C ASP A 29 31.45 47.28 9.67
N ALA A 30 31.91 46.05 9.49
CA ALA A 30 31.29 45.09 8.57
C ALA A 30 29.90 44.67 9.03
N THR A 31 29.75 44.36 10.32
CA THR A 31 28.46 43.96 10.86
C THR A 31 27.51 45.16 10.90
N ARG A 32 28.05 46.33 11.24
CA ARG A 32 27.28 47.56 11.28
C ARG A 32 26.74 47.91 9.90
N ARG A 33 27.55 47.69 8.86
CA ARG A 33 27.14 47.96 7.49
C ARG A 33 26.08 46.96 7.03
N GLU A 34 26.20 45.71 7.47
CA GLU A 34 25.22 44.69 7.13
C GLU A 34 23.90 44.94 7.84
N LEU A 35 23.96 45.37 9.10
CA LEU A 35 22.76 45.68 9.86
C LEU A 35 22.01 46.84 9.25
N GLU A 36 22.76 47.88 8.88
CA GLU A 36 22.19 49.04 8.20
C GLU A 36 21.54 48.61 6.88
N GLU A 37 22.26 47.78 6.13
CA GLU A 37 21.78 47.20 4.88
C GLU A 37 20.44 46.51 5.09
N GLU A 38 20.41 45.55 6.03
CA GLU A 38 19.22 44.75 6.33
C GLU A 38 18.05 45.59 6.83
N MET A 39 18.37 46.53 7.72
CA MET A 39 17.37 47.38 8.38
C MET A 39 16.68 48.34 7.41
N GLY A 40 17.34 48.65 6.30
CA GLY A 40 16.82 49.58 5.30
C GLY A 40 16.21 48.92 4.08
N ARG A 41 16.14 47.59 4.06
CA ARG A 41 15.49 46.87 2.97
C ARG A 41 13.98 47.11 2.99
N SER A 42 13.37 47.10 1.81
CA SER A 42 11.92 47.23 1.68
C SER A 42 11.33 45.99 1.01
N ASP A 43 12.15 44.95 0.87
CA ASP A 43 11.77 43.70 0.22
C ASP A 43 11.95 42.50 1.16
N LYS A 44 11.96 42.77 2.46
CA LYS A 44 12.17 41.71 3.46
C LYS A 44 10.95 40.81 3.58
N PRO A 45 11.12 39.60 4.10
CA PRO A 45 10.00 38.68 4.30
C PRO A 45 8.96 39.20 5.29
N GLU A 46 7.69 39.18 4.90
CA GLU A 46 6.59 39.57 5.76
C GLU A 46 6.16 38.41 6.63
N GLN A 47 5.83 38.68 7.90
CA GLN A 47 5.32 37.65 8.79
C GLN A 47 3.95 37.18 8.30
N PRO A 48 3.81 35.89 8.01
CA PRO A 48 2.54 35.36 7.51
C PRO A 48 1.43 35.35 8.56
N THR A 49 0.20 35.28 8.07
CA THR A 49 -0.98 35.20 8.93
C THR A 49 -1.35 33.73 9.08
N PRO A 50 -1.44 33.23 10.31
CA PRO A 50 -1.74 31.81 10.53
C PRO A 50 -3.16 31.46 10.10
N PRO A 51 -3.39 30.26 9.56
CA PRO A 51 -4.75 29.83 9.20
C PRO A 51 -5.73 29.91 10.37
N ALA A 52 -7.02 29.75 10.05
CA ALA A 52 -8.10 29.94 11.02
C ALA A 52 -8.04 28.96 12.18
N GLY A 53 -8.18 29.49 13.40
CA GLY A 53 -8.22 28.68 14.61
C GLY A 53 -6.90 28.58 15.34
N TRP A 54 -5.81 28.42 14.58
CA TRP A 54 -4.49 28.18 15.17
C TRP A 54 -3.93 29.40 15.89
N GLN A 55 -3.14 29.14 16.93
CA GLN A 55 -2.46 30.17 17.71
C GLN A 55 -0.96 29.86 17.66
N VAL A 56 -0.14 30.89 17.38
CA VAL A 56 1.30 30.74 17.33
C VAL A 56 1.91 31.05 18.70
N VAL A 57 2.73 30.14 19.21
CA VAL A 57 3.36 30.33 20.52
C VAL A 57 4.79 29.80 20.50
N ARG A 58 5.74 30.69 20.80
CA ARG A 58 7.16 30.37 20.80
C ARG A 58 7.57 29.75 22.14
N LYS A 59 8.33 28.67 22.06
CA LYS A 59 8.99 28.07 23.22
C LYS A 59 10.05 29.09 23.66
N PRO A 60 9.85 29.75 24.82
CA PRO A 60 10.69 30.89 25.23
C PRO A 60 12.20 30.78 24.95
N GLY A 61 12.71 31.72 24.16
CA GLY A 61 14.14 31.81 23.86
C GLY A 61 14.66 30.92 22.75
N THR A 62 13.77 30.12 22.14
CA THR A 62 14.17 29.13 21.14
C THR A 62 13.59 29.44 19.77
N CYS A 63 13.97 28.61 18.80
CA CYS A 63 13.44 28.69 17.43
C CYS A 63 12.34 27.65 17.21
N THR A 64 11.79 27.13 18.31
CA THR A 64 10.70 26.16 18.25
C THR A 64 9.36 26.88 18.42
N PHE A 65 8.40 26.51 17.59
CA PHE A 65 7.07 27.10 17.64
C PHE A 65 5.99 26.02 17.61
N ASP A 66 4.92 26.26 18.35
CA ASP A 66 3.78 25.37 18.40
C ASP A 66 2.55 26.10 17.89
N LEU A 67 1.86 25.48 16.93
CA LEU A 67 0.55 25.95 16.51
C LEU A 67 -0.46 25.10 17.26
N THR A 68 -1.28 25.73 18.11
CA THR A 68 -2.26 25.01 18.92
C THR A 68 -3.69 25.37 18.53
N LYS A 69 -4.58 24.39 18.65
CA LYS A 69 -6.00 24.57 18.35
C LYS A 69 -6.80 23.35 18.81
N SER A 70 -8.05 23.56 19.19
CA SER A 70 -8.95 22.46 19.56
C SER A 70 -9.84 22.08 18.40
N PHE A 71 -10.21 20.80 18.34
CA PHE A 71 -11.05 20.27 17.27
C PHE A 71 -11.80 19.02 17.76
N GLU A 72 -13.09 19.18 18.06
CA GLU A 72 -13.93 18.08 18.52
C GLU A 72 -13.41 17.42 19.81
N GLY A 73 -12.99 18.26 20.76
CA GLY A 73 -12.46 17.78 22.03
C GLY A 73 -10.99 17.37 22.01
N GLU A 74 -10.40 17.26 20.82
CA GLU A 74 -8.99 16.89 20.66
C GLU A 74 -8.10 18.13 20.80
N ASP A 75 -6.95 17.95 21.45
CA ASP A 75 -5.94 19.01 21.53
C ASP A 75 -4.91 18.79 20.42
N LEU A 76 -4.91 19.68 19.43
CA LEU A 76 -3.98 19.58 18.31
C LEU A 76 -2.76 20.48 18.53
N VAL A 77 -1.58 19.98 18.16
CA VAL A 77 -0.35 20.77 18.20
C VAL A 77 0.48 20.46 16.96
N VAL A 78 0.84 21.50 16.21
CA VAL A 78 1.74 21.36 15.08
C VAL A 78 3.04 22.07 15.45
N ARG A 79 4.10 21.29 15.62
CA ARG A 79 5.37 21.82 16.10
C ARG A 79 6.41 21.85 14.99
N TYR A 80 7.15 22.95 14.93
CA TYR A 80 8.21 23.11 13.95
C TYR A 80 9.31 24.00 14.49
N SER A 81 10.44 23.99 13.79
CA SER A 81 11.58 24.83 14.12
C SER A 81 11.89 25.70 12.90
N THR A 82 12.31 26.94 13.15
CA THR A 82 12.70 27.85 12.08
C THR A 82 14.19 27.73 11.79
N ASN A 83 14.86 26.83 12.49
CA ASN A 83 16.26 26.48 12.20
C ASN A 83 16.32 25.64 10.94
N GLN A 84 17.38 25.84 10.17
CA GLN A 84 17.59 25.11 8.93
C GLN A 84 18.87 24.31 9.01
N ASP A 85 18.84 23.11 8.42
CA ASP A 85 20.01 22.22 8.38
C ASP A 85 20.96 22.69 7.28
N SER A 86 22.27 22.62 7.55
CA SER A 86 23.30 23.06 6.60
C SER A 86 23.09 22.49 5.18
N ASP A 87 22.83 21.19 5.11
CA ASP A 87 22.58 20.51 3.83
C ASP A 87 21.11 20.59 3.39
N LYS A 88 20.18 20.29 4.30
CA LYS A 88 18.75 20.30 4.00
C LYS A 88 18.15 21.71 4.11
N ALA A 89 18.52 22.57 3.16
CA ALA A 89 18.00 23.94 3.11
C ALA A 89 16.79 24.03 2.16
N ASN A 90 16.09 22.91 2.03
CA ASN A 90 14.91 22.81 1.15
C ASN A 90 13.69 22.18 1.83
N SER A 91 13.94 21.31 2.82
CA SER A 91 12.87 20.60 3.51
C SER A 91 12.47 21.30 4.80
N HIS A 92 11.19 21.15 5.15
CA HIS A 92 10.64 21.72 6.39
C HIS A 92 9.85 20.62 7.09
N ASN A 93 10.33 20.18 8.24
CA ASN A 93 9.69 19.11 8.99
C ASN A 93 8.73 19.65 10.04
N ILE A 94 7.58 18.99 10.19
CA ILE A 94 6.61 19.32 11.24
C ILE A 94 6.19 18.06 11.99
N PHE A 95 5.85 18.25 13.25
CA PHE A 95 5.40 17.17 14.11
C PHE A 95 4.00 17.51 14.58
N VAL A 96 3.03 16.71 14.14
CA VAL A 96 1.62 16.94 14.46
C VAL A 96 1.21 16.03 15.61
N TYR A 97 0.71 16.62 16.69
CA TYR A 97 0.25 15.87 17.84
C TYR A 97 -1.27 15.98 17.98
N ILE A 98 -1.93 14.84 18.16
CA ILE A 98 -3.37 14.81 18.37
C ILE A 98 -3.59 14.09 19.69
N THR A 99 -4.01 14.84 20.71
CA THR A 99 -4.19 14.30 22.05
C THR A 99 -5.66 14.15 22.40
N GLN A 100 -6.05 12.95 22.79
CA GLN A 100 -7.41 12.66 23.20
C GLN A 100 -7.66 13.13 24.63
N LYS A 101 -8.91 13.09 25.06
CA LYS A 101 -9.30 13.47 26.42
C LYS A 101 -8.56 12.64 27.48
N ASN A 102 -8.42 11.35 27.23
CA ASN A 102 -7.72 10.45 28.15
C ASN A 102 -6.19 10.55 28.13
N GLY A 103 -5.64 11.38 27.23
CA GLY A 103 -4.20 11.61 27.17
C GLY A 103 -3.48 10.91 26.04
N GLN A 104 -4.06 9.82 25.53
CA GLN A 104 -3.49 9.09 24.40
C GLN A 104 -3.22 10.03 23.23
N THR A 105 -2.04 9.95 22.63
CA THR A 105 -1.58 10.94 21.64
C THR A 105 -0.98 10.33 20.38
N MET A 106 -1.48 10.76 19.23
CA MET A 106 -0.90 10.41 17.95
C MET A 106 0.14 11.45 17.56
N GLN A 107 1.27 10.99 17.03
CA GLN A 107 2.28 11.86 16.48
C GLN A 107 2.45 11.53 15.00
N ALA A 108 2.26 12.52 14.13
CA ALA A 108 2.48 12.34 12.70
C ALA A 108 3.63 13.24 12.27
N ASP A 109 4.66 12.63 11.68
CA ASP A 109 5.79 13.39 11.13
C ASP A 109 5.56 13.61 9.65
N LEU A 110 5.56 14.88 9.23
CA LEU A 110 5.43 15.20 7.83
C LEU A 110 6.49 16.17 7.39
N SER A 111 6.80 16.15 6.10
CA SER A 111 7.70 17.12 5.50
C SER A 111 6.93 17.93 4.46
N ILE A 112 7.34 19.19 4.30
CA ILE A 112 6.71 20.09 3.34
C ILE A 112 7.68 20.25 2.17
N GLU A 113 7.25 19.77 1.01
CA GLU A 113 8.07 19.81 -0.20
C GLU A 113 7.21 20.15 -1.40
N GLU A 114 7.54 21.26 -2.07
CA GLU A 114 6.80 21.76 -3.23
C GLU A 114 5.36 22.12 -2.87
N GLY A 115 5.18 22.68 -1.67
CA GLY A 115 3.86 23.05 -1.18
C GLY A 115 2.96 21.85 -0.95
N GLU A 116 3.55 20.66 -0.83
CA GLU A 116 2.82 19.41 -0.69
C GLU A 116 3.19 18.76 0.63
N LEU A 117 2.20 18.23 1.32
CA LEU A 117 2.44 17.54 2.59
C LEU A 117 2.74 16.08 2.32
N VAL A 118 3.86 15.60 2.86
CA VAL A 118 4.25 14.20 2.74
C VAL A 118 4.35 13.59 4.13
N LEU A 119 3.68 12.45 4.30
CA LEU A 119 3.61 11.75 5.56
C LEU A 119 4.75 10.75 5.68
N ASN A 120 5.53 10.87 6.76
CA ASN A 120 6.72 10.04 6.94
C ASN A 120 6.66 9.07 8.13
N ASN A 121 5.82 9.34 9.12
CA ASN A 121 5.70 8.44 10.27
C ASN A 121 4.46 8.72 11.10
N ILE A 122 3.87 7.66 11.64
CA ILE A 122 2.72 7.75 12.53
C ILE A 122 2.95 6.80 13.71
N ARG A 123 2.84 7.33 14.92
CA ARG A 123 3.05 6.55 16.13
C ARG A 123 2.16 7.06 17.25
N PHE A 124 2.00 6.27 18.31
CA PHE A 124 1.13 6.64 19.41
C PHE A 124 1.84 6.56 20.76
N TYR A 125 1.33 7.30 21.73
CA TYR A 125 1.84 7.32 23.10
C TYR A 125 0.66 7.29 24.08
N ASP A 126 0.82 6.65 25.22
CA ASP A 126 -0.26 6.57 26.22
C ASP A 126 -0.56 7.93 26.84
N GLU A 127 0.45 8.77 26.97
CA GLU A 127 0.28 10.09 27.61
C GLU A 127 0.91 11.24 26.82
N ALA A 128 0.26 12.40 26.91
CA ALA A 128 0.66 13.61 26.21
C ALA A 128 2.08 14.10 26.52
N ALA A 129 2.47 14.10 27.80
CA ALA A 129 3.79 14.57 28.19
C ALA A 129 4.90 13.69 27.63
N LEU A 130 4.63 12.40 27.54
CA LEU A 130 5.57 11.46 26.96
C LEU A 130 5.87 11.80 25.50
N ALA A 131 4.83 12.26 24.80
CA ALA A 131 4.93 12.63 23.40
C ALA A 131 5.55 14.01 23.19
N LYS A 132 5.18 14.97 24.03
CA LYS A 132 5.46 16.39 23.77
C LYS A 132 6.53 17.02 24.66
N ASP A 133 6.98 16.33 25.69
CA ASP A 133 8.04 16.86 26.55
C ASP A 133 9.29 17.13 25.71
N THR A 134 9.96 18.24 26.00
CA THR A 134 11.23 18.56 25.36
C THR A 134 12.35 18.04 26.24
N GLY A 135 13.54 17.92 25.65
CA GLY A 135 14.71 17.50 26.40
C GLY A 135 15.32 16.20 25.91
N ALA A 136 16.54 15.94 26.37
CA ALA A 136 17.32 14.76 26.00
C ALA A 136 16.72 13.49 26.58
N GLU A 137 16.32 13.54 27.84
CA GLU A 137 15.75 12.35 28.49
C GLU A 137 14.40 12.01 27.90
N ALA A 138 13.58 13.03 27.62
CA ALA A 138 12.26 12.81 27.03
C ALA A 138 12.37 12.13 25.68
N GLU A 139 13.38 12.51 24.90
CA GLU A 139 13.61 11.94 23.58
C GLU A 139 14.05 10.49 23.70
N ALA A 140 14.99 10.24 24.59
CA ALA A 140 15.53 8.89 24.83
C ALA A 140 14.48 7.87 25.26
N LYS A 141 13.50 8.30 26.06
CA LYS A 141 12.41 7.42 26.48
C LYS A 141 11.55 7.05 25.27
N ARG A 142 11.26 8.04 24.44
CA ARG A 142 10.49 7.82 23.21
C ARG A 142 11.25 6.92 22.23
N ASN A 143 12.57 7.05 22.20
CA ASN A 143 13.42 6.27 21.30
C ASN A 143 13.31 4.76 21.54
N GLU A 144 12.93 4.36 22.76
CA GLU A 144 12.78 2.94 23.12
C GLU A 144 11.42 2.36 22.77
N LEU A 145 10.40 3.20 22.60
CA LEU A 145 9.05 2.73 22.33
C LEU A 145 8.86 2.39 20.85
N TYR A 146 7.76 1.70 20.55
CA TYR A 146 7.40 1.34 19.18
C TYR A 146 7.07 2.59 18.37
N THR A 147 7.84 2.82 17.31
CA THR A 147 7.70 4.02 16.49
C THR A 147 6.71 3.85 15.33
N GLY A 148 6.03 2.71 15.27
CA GLY A 148 5.05 2.47 14.22
C GLY A 148 5.66 1.74 13.03
N PRO A 149 4.83 1.32 12.08
CA PRO A 149 5.28 0.59 10.91
C PRO A 149 5.92 1.53 9.89
N LEU A 150 6.65 0.98 8.93
CA LEU A 150 7.20 1.77 7.83
C LEU A 150 6.07 2.24 6.92
N VAL A 151 5.98 3.56 6.76
CA VAL A 151 4.89 4.19 6.01
C VAL A 151 4.88 3.79 4.52
N HIS A 152 6.06 3.55 3.96
CA HIS A 152 6.19 3.11 2.57
C HIS A 152 5.50 1.77 2.31
N GLU A 153 5.47 0.92 3.33
CA GLU A 153 4.88 -0.42 3.22
C GLU A 153 3.38 -0.47 3.51
N LEU A 154 2.76 0.66 3.86
CA LEU A 154 1.32 0.71 4.12
C LEU A 154 0.50 0.86 2.85
N ASP A 155 -0.69 0.26 2.86
CA ASP A 155 -1.59 0.28 1.71
C ASP A 155 -2.07 1.70 1.40
N TYR A 156 -2.32 1.96 0.12
CA TYR A 156 -2.77 3.26 -0.35
C TYR A 156 -4.04 3.71 0.35
N ASP A 157 -4.95 2.78 0.60
CA ASP A 157 -6.27 3.09 1.18
C ASP A 157 -6.12 3.71 2.57
N LEU A 158 -5.38 3.02 3.42
CA LEU A 158 -5.17 3.45 4.80
C LEU A 158 -4.45 4.79 4.88
N LEU A 159 -3.36 4.91 4.12
CA LEU A 159 -2.51 6.10 4.20
C LEU A 159 -3.21 7.32 3.63
N ASN A 160 -4.00 7.10 2.59
CA ASN A 160 -4.80 8.18 2.00
C ASN A 160 -5.89 8.65 2.95
N CYS A 161 -6.46 7.73 3.73
CA CYS A 161 -7.47 8.07 4.73
C CYS A 161 -6.85 8.82 5.92
N VAL A 162 -5.58 8.57 6.22
CA VAL A 162 -4.89 9.30 7.29
C VAL A 162 -4.66 10.74 6.85
N MET A 163 -4.24 10.92 5.61
CA MET A 163 -4.02 12.24 5.04
C MET A 163 -5.28 13.09 5.05
N THR A 164 -6.41 12.44 4.76
CA THR A 164 -7.71 13.10 4.77
C THR A 164 -8.09 13.45 6.20
N TYR A 165 -7.88 12.50 7.09
CA TYR A 165 -8.14 12.69 8.52
C TYR A 165 -7.36 13.89 9.06
N LEU A 166 -6.11 14.03 8.64
CA LEU A 166 -5.27 15.15 9.05
C LEU A 166 -5.79 16.44 8.42
N GLU A 167 -6.17 16.36 7.14
CA GLU A 167 -6.68 17.50 6.38
C GLU A 167 -7.93 18.13 7.01
N LYS A 168 -8.85 17.28 7.48
CA LYS A 168 -10.08 17.74 8.14
C LYS A 168 -9.75 18.63 9.34
N ARG A 169 -8.64 18.33 10.01
CA ARG A 169 -8.21 19.06 11.21
C ARG A 169 -7.34 20.30 10.95
N GLY A 170 -7.29 20.77 9.71
CA GLY A 170 -6.51 21.95 9.38
C GLY A 170 -5.05 21.69 9.04
N VAL A 171 -4.64 20.42 9.10
CA VAL A 171 -3.28 20.01 8.73
C VAL A 171 -3.27 19.72 7.24
N ASP A 172 -3.05 20.77 6.46
CA ASP A 172 -3.16 20.71 5.00
C ASP A 172 -2.05 21.53 4.33
N GLU A 173 -2.23 21.84 3.05
CA GLU A 173 -1.24 22.62 2.31
C GLU A 173 -1.20 24.09 2.71
N LYS A 174 -2.32 24.62 3.20
CA LYS A 174 -2.38 26.00 3.70
C LYS A 174 -1.57 26.18 4.98
N LEU A 175 -1.52 25.14 5.81
CA LEU A 175 -0.76 25.18 7.06
C LEU A 175 0.73 25.09 6.72
N GLY A 176 1.06 24.23 5.76
CA GLY A 176 2.43 24.05 5.34
C GLY A 176 3.05 25.34 4.82
N GLU A 177 2.30 26.03 3.95
CA GLU A 177 2.73 27.29 3.37
C GLU A 177 2.97 28.33 4.47
N PHE A 178 2.14 28.30 5.51
CA PHE A 178 2.35 29.17 6.67
C PHE A 178 3.71 28.89 7.30
N VAL A 179 3.97 27.63 7.63
CA VAL A 179 5.22 27.24 8.28
C VAL A 179 6.42 27.68 7.46
N VAL A 180 6.38 27.43 6.15
CA VAL A 180 7.47 27.81 5.25
C VAL A 180 7.67 29.33 5.29
N LEU A 181 6.57 30.07 5.18
CA LEU A 181 6.60 31.53 5.17
C LEU A 181 7.04 32.11 6.51
N TYR A 182 6.62 31.46 7.59
CA TYR A 182 6.95 31.91 8.94
C TYR A 182 8.42 31.64 9.23
N SER A 183 8.93 30.53 8.70
CA SER A 183 10.34 30.19 8.85
C SER A 183 11.25 31.22 8.16
N PHE A 184 10.88 31.62 6.94
CA PHE A 184 11.64 32.64 6.20
C PHE A 184 11.65 33.94 6.99
N TRP A 185 10.49 34.34 7.51
CA TRP A 185 10.37 35.57 8.28
C TRP A 185 11.19 35.51 9.55
N ALA A 186 11.00 34.45 10.34
CA ALA A 186 11.70 34.27 11.60
C ALA A 186 13.21 34.16 11.41
N GLU A 187 13.62 33.56 10.30
CA GLU A 187 15.05 33.41 9.99
C GLU A 187 15.69 34.77 9.77
N GLN A 188 14.98 35.67 9.11
CA GLN A 188 15.45 37.04 8.89
C GLN A 188 15.58 37.78 10.22
N GLN A 189 14.64 37.55 11.13
CA GLN A 189 14.65 38.22 12.43
C GLN A 189 15.84 37.77 13.26
N ASP A 190 16.11 36.47 13.27
CA ASP A 190 17.23 35.92 14.03
C ASP A 190 18.57 36.36 13.46
N TYR A 191 18.65 36.44 12.13
CA TYR A 191 19.87 36.89 11.47
C TYR A 191 20.18 38.32 11.91
N GLU A 192 19.16 39.17 11.95
CA GLU A 192 19.33 40.55 12.39
C GLU A 192 19.82 40.63 13.84
N ALA A 193 19.25 39.81 14.73
CA ALA A 193 19.70 39.76 16.12
C ALA A 193 21.13 39.22 16.20
N TRP A 194 21.44 38.30 15.30
CA TRP A 194 22.77 37.70 15.21
C TRP A 194 23.83 38.74 14.79
N LEU A 195 23.46 39.64 13.89
CA LEU A 195 24.37 40.68 13.43
C LEU A 195 24.70 41.66 14.55
N THR A 196 23.65 42.08 15.27
CA THR A 196 23.79 42.96 16.43
C THR A 196 24.69 42.35 17.50
N THR A 197 24.51 41.06 17.75
CA THR A 197 25.25 40.35 18.78
C THR A 197 26.72 40.18 18.42
N MET A 198 27.00 39.91 17.15
CA MET A 198 28.38 39.78 16.69
C MET A 198 29.04 41.15 16.70
N ASN A 199 28.26 42.19 16.40
CA ASN A 199 28.74 43.57 16.42
C ASN A 199 29.17 43.96 17.83
N LYS A 200 28.33 43.60 18.80
CA LYS A 200 28.63 43.78 20.23
C LYS A 200 29.95 43.09 20.56
N PHE A 201 30.11 41.89 20.03
CA PHE A 201 31.30 41.08 20.24
C PHE A 201 32.56 41.76 19.70
N ALA A 202 32.42 42.44 18.58
CA ALA A 202 33.52 43.12 17.90
C ALA A 202 33.78 44.53 18.43
N SER A 203 32.91 45.01 19.32
CA SER A 203 33.01 46.37 19.85
C SER A 203 33.75 46.40 21.18
N ALA B 22 37.96 -20.30 31.12
CA ALA B 22 37.92 -18.89 31.62
C ALA B 22 37.85 -17.90 30.47
N SER B 23 38.89 -17.92 29.62
CA SER B 23 38.98 -17.02 28.47
C SER B 23 39.36 -17.82 27.20
N ASP B 24 39.88 -17.14 26.17
CA ASP B 24 40.20 -17.80 24.89
C ASP B 24 41.61 -17.51 24.36
N ALA B 25 42.46 -18.54 24.36
CA ALA B 25 43.89 -18.42 24.02
C ALA B 25 44.21 -17.92 22.60
N ALA B 26 43.40 -18.32 21.61
CA ALA B 26 43.62 -17.86 20.23
C ALA B 26 43.54 -16.33 20.11
N LEU B 27 42.61 -15.72 20.84
CA LEU B 27 42.45 -14.25 20.84
C LEU B 27 43.54 -13.57 21.66
N ALA B 28 44.00 -14.24 22.72
CA ALA B 28 45.11 -13.73 23.52
C ALA B 28 46.37 -13.61 22.67
N ASP B 29 46.60 -14.60 21.80
CA ASP B 29 47.76 -14.64 20.93
C ASP B 29 47.68 -13.64 19.79
N ALA B 30 46.52 -13.51 19.17
CA ALA B 30 46.33 -12.61 18.04
C ALA B 30 46.50 -11.15 18.45
N THR B 31 45.96 -10.79 19.61
CA THR B 31 46.13 -9.44 20.16
C THR B 31 47.56 -9.19 20.62
N ARG B 32 48.22 -10.25 21.09
CA ARG B 32 49.61 -10.18 21.51
C ARG B 32 50.49 -9.95 20.28
N ARG B 33 50.25 -10.73 19.23
CA ARG B 33 50.97 -10.59 17.97
C ARG B 33 50.78 -9.19 17.41
N GLU B 34 49.55 -8.68 17.49
CA GLU B 34 49.22 -7.34 17.00
C GLU B 34 49.92 -6.25 17.80
N LEU B 35 50.04 -6.46 19.11
CA LEU B 35 50.73 -5.53 19.98
C LEU B 35 52.23 -5.48 19.66
N GLU B 36 52.79 -6.63 19.30
CA GLU B 36 54.22 -6.72 18.95
C GLU B 36 54.51 -5.92 17.68
N GLU B 37 53.56 -5.96 16.74
CA GLU B 37 53.73 -5.28 15.45
C GLU B 37 53.62 -3.76 15.58
N GLU B 38 52.80 -3.28 16.51
CA GLU B 38 52.64 -1.84 16.73
C GLU B 38 53.83 -1.27 17.50
N MET B 39 54.34 -2.02 18.47
CA MET B 39 55.46 -1.56 19.29
C MET B 39 56.81 -1.70 18.57
N GLY B 40 56.82 -2.40 17.44
CA GLY B 40 58.04 -2.59 16.66
C GLY B 40 58.14 -1.66 15.46
N ARG B 41 57.11 -0.85 15.22
CA ARG B 41 57.10 0.09 14.11
C ARG B 41 58.09 1.23 14.34
N SER B 42 58.61 1.78 13.24
CA SER B 42 59.50 2.94 13.29
C SER B 42 58.94 4.09 12.45
N ASP B 43 57.67 3.98 12.08
CA ASP B 43 56.98 4.97 11.26
C ASP B 43 55.72 5.49 11.99
N LYS B 44 55.72 5.34 13.32
CA LYS B 44 54.59 5.74 14.14
C LYS B 44 54.53 7.25 14.31
N PRO B 45 53.31 7.79 14.46
CA PRO B 45 53.15 9.24 14.65
C PRO B 45 53.71 9.69 16.00
N GLU B 46 54.43 10.80 16.00
CA GLU B 46 55.05 11.35 17.20
C GLU B 46 54.13 12.42 17.75
N GLN B 47 54.13 12.63 19.07
CA GLN B 47 53.30 13.67 19.68
C GLN B 47 53.82 15.06 19.28
N PRO B 48 53.03 15.80 18.51
CA PRO B 48 53.45 17.15 18.09
C PRO B 48 53.26 18.14 19.23
N THR B 49 53.91 19.29 19.13
CA THR B 49 53.75 20.35 20.13
C THR B 49 52.83 21.44 19.62
N PRO B 50 51.97 21.96 20.49
CA PRO B 50 51.00 22.99 20.10
C PRO B 50 51.66 24.35 19.91
N PRO B 51 51.05 25.24 19.13
CA PRO B 51 51.55 26.62 19.00
C PRO B 51 51.61 27.33 20.36
N ALA B 52 52.42 28.38 20.45
CA ALA B 52 52.68 29.08 21.71
C ALA B 52 51.39 29.55 22.40
N GLY B 53 51.41 29.52 23.74
CA GLY B 53 50.27 29.98 24.53
C GLY B 53 49.21 28.93 24.78
N TRP B 54 48.89 28.14 23.76
CA TRP B 54 47.86 27.10 23.85
C TRP B 54 48.26 26.00 24.84
N GLN B 55 47.40 25.76 25.82
CA GLN B 55 47.58 24.72 26.83
C GLN B 55 46.72 23.52 26.46
N VAL B 56 47.35 22.39 26.16
CA VAL B 56 46.62 21.17 25.80
C VAL B 56 46.24 20.42 27.07
N VAL B 57 44.96 20.10 27.21
CA VAL B 57 44.46 19.39 28.39
C VAL B 57 43.22 18.56 28.06
N ARG B 58 43.33 17.25 28.25
CA ARG B 58 42.21 16.36 28.03
C ARG B 58 41.23 16.35 29.20
N LYS B 59 39.97 16.06 28.91
CA LYS B 59 38.95 15.88 29.93
C LYS B 59 39.15 14.48 30.53
N PRO B 60 39.48 14.40 31.82
CA PRO B 60 39.87 13.14 32.48
C PRO B 60 39.11 11.87 32.03
N GLY B 61 39.83 10.98 31.34
CA GLY B 61 39.28 9.69 30.92
C GLY B 61 38.50 9.71 29.62
N THR B 62 38.71 10.73 28.79
CA THR B 62 37.99 10.87 27.52
C THR B 62 38.93 11.11 26.35
N CYS B 63 38.33 11.21 25.16
CA CYS B 63 39.05 11.54 23.94
C CYS B 63 38.78 12.98 23.52
N THR B 64 38.32 13.81 24.45
CA THR B 64 38.04 15.21 24.19
C THR B 64 39.23 16.05 24.64
N PHE B 65 39.70 16.94 23.77
CA PHE B 65 40.86 17.76 24.05
C PHE B 65 40.55 19.24 23.86
N ASP B 66 41.02 20.07 24.79
CA ASP B 66 40.82 21.50 24.74
C ASP B 66 42.15 22.23 24.67
N LEU B 67 42.29 23.11 23.69
CA LEU B 67 43.45 23.97 23.56
C LEU B 67 43.03 25.33 24.09
N THR B 68 43.47 25.67 25.29
CA THR B 68 43.05 26.90 25.95
C THR B 68 44.15 27.94 26.06
N LYS B 69 43.72 29.19 26.22
CA LYS B 69 44.61 30.33 26.37
C LYS B 69 43.78 31.60 26.43
N SER B 70 44.33 32.65 27.02
CA SER B 70 43.66 33.95 27.07
C SER B 70 44.15 34.84 25.94
N PHE B 71 43.29 35.77 25.51
CA PHE B 71 43.62 36.71 24.47
C PHE B 71 42.92 38.05 24.72
N GLU B 72 43.69 39.03 25.22
CA GLU B 72 43.18 40.37 25.49
C GLU B 72 41.88 40.36 26.32
N GLY B 73 41.85 39.52 27.35
CA GLY B 73 40.71 39.43 28.25
C GLY B 73 39.73 38.31 27.93
N GLU B 74 39.81 37.77 26.71
CA GLU B 74 38.92 36.70 26.27
C GLU B 74 39.48 35.32 26.61
N ASP B 75 38.59 34.39 26.97
CA ASP B 75 38.97 33.00 27.21
C ASP B 75 38.68 32.19 25.95
N LEU B 76 39.72 31.65 25.34
CA LEU B 76 39.57 30.85 24.13
C LEU B 76 39.66 29.36 24.42
N VAL B 77 38.96 28.57 23.61
CA VAL B 77 38.94 27.11 23.75
C VAL B 77 38.67 26.47 22.39
N VAL B 78 39.67 25.79 21.85
CA VAL B 78 39.51 25.03 20.60
C VAL B 78 39.35 23.56 20.99
N ARG B 79 38.15 23.03 20.79
CA ARG B 79 37.81 21.68 21.21
C ARG B 79 37.71 20.73 20.02
N TYR B 80 38.28 19.54 20.20
CA TYR B 80 38.22 18.49 19.20
C TYR B 80 38.28 17.14 19.90
N SER B 81 37.60 16.14 19.34
CA SER B 81 37.74 14.77 19.83
C SER B 81 38.77 14.04 18.99
N THR B 82 39.44 13.07 19.58
CA THR B 82 40.47 12.29 18.91
C THR B 82 39.94 10.93 18.45
N ASN B 83 38.62 10.81 18.36
CA ASN B 83 37.96 9.60 17.90
C ASN B 83 37.55 9.71 16.45
N GLN B 84 37.53 8.57 15.76
CA GLN B 84 37.19 8.52 14.34
C GLN B 84 35.76 7.99 14.11
N ASP B 85 35.16 8.45 13.01
CA ASP B 85 33.79 8.09 12.65
C ASP B 85 33.78 7.10 11.48
N SER B 86 32.77 6.25 11.44
CA SER B 86 32.60 5.27 10.37
C SER B 86 32.16 5.95 9.08
N HIS B 92 37.91 15.61 10.38
CA HIS B 92 38.58 16.44 11.37
C HIS B 92 37.86 17.77 11.58
N ASN B 93 37.14 17.90 12.69
CA ASN B 93 36.39 19.11 12.99
C ASN B 93 36.78 19.70 14.35
N ILE B 94 36.68 21.02 14.47
CA ILE B 94 36.98 21.73 15.71
C ILE B 94 35.87 22.71 16.07
N PHE B 95 35.74 23.01 17.35
CA PHE B 95 34.76 23.96 17.87
C PHE B 95 35.49 25.03 18.66
N VAL B 96 35.44 26.27 18.19
CA VAL B 96 36.20 27.37 18.79
C VAL B 96 35.26 28.25 19.62
N TYR B 97 35.47 28.26 20.93
CA TYR B 97 34.69 29.08 21.85
C TYR B 97 35.49 30.31 22.27
N ILE B 98 34.89 31.48 22.12
CA ILE B 98 35.51 32.75 22.51
C ILE B 98 34.60 33.42 23.52
N THR B 99 35.04 33.51 24.77
CA THR B 99 34.19 34.08 25.83
C THR B 99 34.69 35.45 26.28
N GLN B 100 33.76 36.40 26.38
CA GLN B 100 34.07 37.74 26.85
C GLN B 100 33.94 37.74 28.38
N LYS B 101 34.51 38.77 29.02
CA LYS B 101 34.42 38.90 30.48
C LYS B 101 32.96 38.93 30.94
N ASN B 102 32.09 39.50 30.10
CA ASN B 102 30.65 39.53 30.36
C ASN B 102 30.04 38.13 30.46
N GLY B 103 30.53 37.22 29.61
CA GLY B 103 30.02 35.87 29.52
C GLY B 103 29.73 35.52 28.08
N GLN B 104 29.43 36.54 27.28
CA GLN B 104 29.17 36.40 25.85
C GLN B 104 30.15 35.42 25.20
N THR B 105 29.61 34.38 24.57
CA THR B 105 30.42 33.33 23.96
C THR B 105 30.05 33.14 22.51
N MET B 106 31.03 33.26 21.63
CA MET B 106 30.87 32.90 20.22
C MET B 106 31.33 31.46 20.05
N GLN B 107 30.62 30.71 19.20
CA GLN B 107 31.03 29.35 18.85
C GLN B 107 31.25 29.28 17.35
N ALA B 108 32.45 28.88 16.93
CA ALA B 108 32.78 28.75 15.52
C ALA B 108 33.10 27.30 15.23
N ASP B 109 32.29 26.67 14.38
CA ASP B 109 32.55 25.30 13.92
C ASP B 109 33.41 25.39 12.66
N LEU B 110 34.56 24.72 12.67
CA LEU B 110 35.44 24.72 11.51
C LEU B 110 35.85 23.31 11.12
N SER B 111 36.10 23.12 9.82
CA SER B 111 36.58 21.85 9.30
C SER B 111 38.00 22.03 8.80
N ILE B 112 38.87 21.07 9.12
CA ILE B 112 40.25 21.07 8.64
C ILE B 112 40.34 20.18 7.41
N GLU B 113 40.22 20.79 6.24
CA GLU B 113 40.22 20.06 4.96
C GLU B 113 41.65 19.60 4.58
N GLU B 114 42.37 20.43 3.83
CA GLU B 114 43.70 20.08 3.32
C GLU B 114 44.77 20.90 4.04
N GLY B 115 44.74 20.85 5.37
CA GLY B 115 45.59 21.70 6.20
C GLY B 115 44.97 23.06 6.48
N GLU B 116 44.05 23.48 5.61
CA GLU B 116 43.37 24.77 5.71
C GLU B 116 42.04 24.66 6.46
N LEU B 117 41.44 25.80 6.78
CA LEU B 117 40.23 25.85 7.60
C LEU B 117 39.05 26.36 6.77
N VAL B 118 37.88 25.80 7.05
CA VAL B 118 36.65 26.16 6.36
C VAL B 118 35.57 26.42 7.40
N LEU B 119 35.15 27.67 7.50
CA LEU B 119 34.12 28.09 8.44
C LEU B 119 32.78 27.47 8.04
N ASN B 120 32.19 26.72 8.96
CA ASN B 120 30.93 26.00 8.68
C ASN B 120 29.74 26.53 9.46
N ASN B 121 29.99 27.18 10.60
CA ASN B 121 28.91 27.65 11.46
C ASN B 121 29.38 28.66 12.48
N ILE B 122 28.54 29.66 12.75
CA ILE B 122 28.81 30.65 13.80
C ILE B 122 27.53 30.92 14.57
N ARG B 123 27.61 30.82 15.90
CA ARG B 123 26.47 31.07 16.77
C ARG B 123 26.91 31.73 18.08
N PHE B 124 25.93 32.03 18.94
CA PHE B 124 26.19 32.77 20.17
C PHE B 124 25.38 32.25 21.36
N TYR B 125 25.90 32.51 22.55
CA TYR B 125 25.25 32.16 23.80
C TYR B 125 25.48 33.28 24.81
N ASP B 126 24.55 33.46 25.74
CA ASP B 126 24.68 34.46 26.80
C ASP B 126 25.86 34.16 27.73
N GLU B 127 26.04 32.88 28.06
CA GLU B 127 27.12 32.44 28.96
C GLU B 127 27.91 31.26 28.38
N ALA B 128 29.14 31.12 28.85
CA ALA B 128 30.05 30.08 28.36
C ALA B 128 29.66 28.67 28.81
N ALA B 129 28.90 28.56 29.89
CA ALA B 129 28.47 27.26 30.39
C ALA B 129 27.65 26.52 29.34
N LEU B 130 26.53 27.10 28.94
CA LEU B 130 25.64 26.49 27.94
C LEU B 130 26.40 26.04 26.68
N ALA B 131 27.42 26.79 26.30
CA ALA B 131 28.18 26.51 25.07
C ALA B 131 29.14 25.31 25.22
N LYS B 132 29.94 25.31 26.29
CA LYS B 132 31.00 24.33 26.48
C LYS B 132 30.51 23.07 27.19
N ASP B 133 29.42 23.20 27.94
CA ASP B 133 28.86 22.08 28.68
C ASP B 133 28.61 20.87 27.77
N THR B 134 29.32 19.76 28.02
CA THR B 134 28.96 18.48 27.40
C THR B 134 27.82 17.92 28.23
N GLY B 135 27.25 16.80 27.80
CA GLY B 135 26.08 16.27 28.48
C GLY B 135 24.87 16.40 27.59
N ALA B 136 23.99 15.41 27.68
CA ALA B 136 22.84 15.28 26.78
C ALA B 136 21.88 16.46 26.84
N GLU B 137 21.58 16.92 28.05
CA GLU B 137 20.61 17.99 28.25
C GLU B 137 21.11 19.32 27.71
N ALA B 138 22.39 19.60 27.92
CA ALA B 138 23.01 20.82 27.40
C ALA B 138 22.95 20.85 25.88
N GLU B 139 23.18 19.69 25.25
CA GLU B 139 23.14 19.59 23.80
C GLU B 139 21.73 19.83 23.28
N ALA B 140 20.73 19.32 23.99
CA ALA B 140 19.33 19.48 23.61
C ALA B 140 18.93 20.97 23.61
N LYS B 141 19.35 21.70 24.64
CA LYS B 141 19.08 23.12 24.73
C LYS B 141 19.72 23.87 23.56
N ARG B 142 20.94 23.48 23.19
CA ARG B 142 21.63 24.08 22.06
C ARG B 142 20.90 23.81 20.73
N ASN B 143 20.39 22.60 20.54
CA ASN B 143 19.68 22.25 19.31
C ASN B 143 18.37 23.04 19.12
N GLU B 144 17.83 23.56 20.21
CA GLU B 144 16.62 24.36 20.17
C GLU B 144 16.89 25.81 19.78
N LEU B 145 18.07 26.32 20.14
CA LEU B 145 18.41 27.72 19.89
C LEU B 145 18.81 27.98 18.44
N TYR B 146 18.72 29.25 18.04
CA TYR B 146 19.15 29.68 16.72
C TYR B 146 20.60 29.25 16.50
N THR B 147 20.83 28.45 15.47
CA THR B 147 22.16 27.92 15.19
C THR B 147 23.02 28.84 14.32
N GLY B 148 22.44 29.95 13.87
CA GLY B 148 23.17 30.91 13.06
C GLY B 148 22.79 30.82 11.58
N PRO B 149 23.15 31.84 10.81
CA PRO B 149 22.83 31.85 9.38
C PRO B 149 23.71 30.84 8.66
N LEU B 150 23.48 30.64 7.37
CA LEU B 150 24.32 29.74 6.60
C LEU B 150 25.55 30.54 6.19
N VAL B 151 26.69 30.17 6.77
CA VAL B 151 27.94 30.90 6.59
C VAL B 151 28.33 31.15 5.13
N HIS B 152 27.93 30.22 4.25
CA HIS B 152 28.24 30.32 2.81
C HIS B 152 27.49 31.46 2.09
N GLU B 153 26.26 31.74 2.52
CA GLU B 153 25.45 32.81 1.93
C GLU B 153 25.83 34.21 2.44
N LEU B 154 26.61 34.27 3.51
CA LEU B 154 27.02 35.55 4.11
C LEU B 154 27.76 36.46 3.13
N ASP B 155 27.55 37.76 3.29
CA ASP B 155 28.29 38.80 2.55
C ASP B 155 29.78 38.52 2.70
N TYR B 156 30.49 38.44 1.57
CA TYR B 156 31.88 38.00 1.58
C TYR B 156 32.83 38.95 2.33
N ASP B 157 32.50 40.24 2.38
CA ASP B 157 33.28 41.20 3.15
C ASP B 157 33.21 40.91 4.65
N LEU B 158 32.02 40.56 5.14
CA LEU B 158 31.84 40.15 6.53
C LEU B 158 32.51 38.81 6.81
N LEU B 159 32.45 37.89 5.85
CA LEU B 159 33.07 36.59 6.01
C LEU B 159 34.58 36.71 6.11
N ASN B 160 35.16 37.59 5.29
CA ASN B 160 36.58 37.90 5.38
C ASN B 160 36.93 38.37 6.78
N CYS B 161 36.21 39.39 7.24
CA CYS B 161 36.46 39.99 8.55
C CYS B 161 36.36 39.02 9.73
N VAL B 162 35.50 38.02 9.63
CA VAL B 162 35.37 37.01 10.69
C VAL B 162 36.57 36.06 10.67
N MET B 163 37.02 35.68 9.47
CA MET B 163 38.19 34.82 9.33
C MET B 163 39.46 35.52 9.80
N THR B 164 39.59 36.81 9.51
CA THR B 164 40.71 37.61 10.02
C THR B 164 40.62 37.64 11.53
N TYR B 165 39.41 37.91 12.03
CA TYR B 165 39.14 37.94 13.47
C TYR B 165 39.61 36.65 14.16
N LEU B 166 39.41 35.51 13.50
CA LEU B 166 39.80 34.21 14.06
C LEU B 166 41.30 33.96 13.93
N GLU B 167 41.87 34.27 12.76
CA GLU B 167 43.29 34.10 12.49
C GLU B 167 44.19 34.95 13.41
N LYS B 168 43.65 36.06 13.90
CA LYS B 168 44.36 36.96 14.80
C LYS B 168 44.55 36.31 16.17
N ARG B 169 43.58 35.50 16.57
CA ARG B 169 43.61 34.82 17.88
C ARG B 169 44.34 33.46 17.87
N GLY B 170 45.00 33.13 16.76
CA GLY B 170 45.76 31.90 16.66
C GLY B 170 45.00 30.73 16.06
N VAL B 171 43.73 30.95 15.73
CA VAL B 171 42.90 29.94 15.06
C VAL B 171 43.18 30.03 13.56
N ASP B 172 44.26 29.38 13.14
CA ASP B 172 44.73 29.45 11.76
C ASP B 172 45.16 28.08 11.25
N GLU B 173 45.73 28.05 10.04
CA GLU B 173 46.18 26.82 9.39
C GLU B 173 47.30 26.11 10.14
N LYS B 174 48.00 26.84 10.99
CA LYS B 174 49.04 26.27 11.85
C LYS B 174 48.43 25.48 13.01
N LEU B 175 47.23 25.87 13.43
CA LEU B 175 46.53 25.18 14.50
C LEU B 175 45.78 23.96 13.96
N GLY B 176 45.11 24.14 12.84
CA GLY B 176 44.45 23.04 12.14
C GLY B 176 45.43 21.93 11.81
N GLU B 177 46.70 22.29 11.64
CA GLU B 177 47.77 21.33 11.39
C GLU B 177 48.06 20.53 12.65
N PHE B 178 48.17 21.21 13.79
CA PHE B 178 48.43 20.54 15.07
C PHE B 178 47.33 19.53 15.38
N VAL B 179 46.08 20.01 15.45
CA VAL B 179 44.92 19.18 15.73
C VAL B 179 44.93 17.86 14.96
N VAL B 180 45.19 17.94 13.66
CA VAL B 180 45.25 16.75 12.80
C VAL B 180 46.34 15.77 13.27
N LEU B 181 47.57 16.26 13.35
CA LEU B 181 48.71 15.43 13.78
C LEU B 181 48.54 14.90 15.20
N TYR B 182 47.98 15.72 16.09
CA TYR B 182 47.76 15.32 17.47
C TYR B 182 46.73 14.19 17.59
N SER B 183 45.68 14.25 16.78
CA SER B 183 44.62 13.24 16.85
C SER B 183 45.09 11.91 16.28
N PHE B 184 46.00 11.93 15.30
CA PHE B 184 46.64 10.72 14.80
C PHE B 184 47.43 10.06 15.92
N TRP B 185 48.12 10.87 16.71
CA TRP B 185 48.96 10.37 17.80
C TRP B 185 48.13 9.73 18.91
N ALA B 186 47.11 10.46 19.38
CA ALA B 186 46.25 10.00 20.44
C ALA B 186 45.50 8.72 20.03
N GLU B 187 45.17 8.62 18.75
CA GLU B 187 44.46 7.46 18.22
C GLU B 187 45.33 6.21 18.19
N GLN B 188 46.63 6.37 17.98
CA GLN B 188 47.56 5.25 18.04
C GLN B 188 47.67 4.75 19.48
N GLN B 189 47.71 5.68 20.43
CA GLN B 189 47.81 5.35 21.85
C GLN B 189 46.60 4.57 22.35
N ASP B 190 45.41 5.05 22.01
CA ASP B 190 44.16 4.38 22.40
C ASP B 190 44.03 3.01 21.74
N TYR B 191 44.52 2.86 20.51
CA TYR B 191 44.48 1.58 19.82
C TYR B 191 45.39 0.56 20.51
N GLU B 192 46.53 1.03 21.01
CA GLU B 192 47.46 0.16 21.74
C GLU B 192 46.87 -0.28 23.07
N ALA B 193 46.22 0.63 23.78
CA ALA B 193 45.55 0.33 25.04
C ALA B 193 44.32 -0.56 24.80
N TRP B 194 43.75 -0.45 23.61
CA TRP B 194 42.60 -1.26 23.20
C TRP B 194 43.01 -2.73 23.03
N LEU B 195 44.18 -2.96 22.42
CA LEU B 195 44.72 -4.30 22.21
C LEU B 195 45.18 -4.89 23.55
N THR B 196 45.73 -4.03 24.40
CA THR B 196 46.16 -4.44 25.73
C THR B 196 44.94 -4.87 26.53
N THR B 197 43.89 -4.06 26.47
CA THR B 197 42.64 -4.38 27.15
C THR B 197 42.05 -5.67 26.62
N MET B 198 41.95 -5.80 25.30
CA MET B 198 41.36 -7.00 24.69
C MET B 198 42.21 -8.24 24.99
N ASN B 199 43.52 -8.07 25.04
CA ASN B 199 44.42 -9.17 25.39
C ASN B 199 44.17 -9.61 26.82
N LYS B 200 44.26 -8.68 27.75
CA LYS B 200 43.90 -8.94 29.15
C LYS B 200 42.56 -9.64 29.22
N PHE B 201 41.62 -9.21 28.39
CA PHE B 201 40.25 -9.74 28.37
C PHE B 201 40.19 -11.22 27.97
N ALA B 202 41.05 -11.62 27.04
CA ALA B 202 41.04 -12.98 26.49
C ALA B 202 41.99 -13.96 27.20
N SER B 203 42.62 -13.53 28.29
CA SER B 203 43.54 -14.42 29.02
C SER B 203 43.25 -14.45 30.53
N SER C 23 -14.94 10.41 14.31
CA SER C 23 -14.65 11.54 13.38
C SER C 23 -14.71 11.10 11.92
N ASP C 24 -13.68 10.37 11.50
CA ASP C 24 -13.54 9.96 10.10
C ASP C 24 -13.97 8.51 9.92
N ALA C 25 -15.14 8.32 9.33
CA ALA C 25 -15.68 6.99 9.06
C ALA C 25 -14.85 6.22 8.04
N ALA C 26 -14.29 6.93 7.07
CA ALA C 26 -13.43 6.31 6.06
C ALA C 26 -12.15 5.71 6.65
N LEU C 27 -11.55 6.40 7.62
CA LEU C 27 -10.33 5.90 8.27
C LEU C 27 -10.64 4.73 9.19
N ALA C 28 -11.76 4.79 9.88
CA ALA C 28 -12.21 3.68 10.73
C ALA C 28 -12.44 2.43 9.90
N ASP C 29 -12.96 2.62 8.68
CA ASP C 29 -13.25 1.50 7.76
C ASP C 29 -11.98 0.90 7.21
N ALA C 30 -11.01 1.75 6.88
CA ALA C 30 -9.74 1.30 6.32
C ALA C 30 -8.96 0.48 7.34
N THR C 31 -8.90 0.97 8.58
CA THR C 31 -8.21 0.29 9.67
C THR C 31 -8.92 -0.97 10.11
N ARG C 32 -10.25 -0.95 10.06
CA ARG C 32 -11.04 -2.11 10.42
C ARG C 32 -10.76 -3.24 9.44
N ARG C 33 -10.78 -2.93 8.15
CA ARG C 33 -10.51 -3.93 7.12
C ARG C 33 -9.10 -4.50 7.24
N GLU C 34 -8.10 -3.63 7.45
CA GLU C 34 -6.71 -4.07 7.62
C GLU C 34 -6.60 -5.04 8.79
N LEU C 35 -7.20 -4.67 9.92
CA LEU C 35 -7.24 -5.52 11.11
C LEU C 35 -7.83 -6.88 10.75
N GLU C 36 -8.95 -6.87 10.01
CA GLU C 36 -9.61 -8.11 9.58
C GLU C 36 -8.72 -8.91 8.62
N GLU C 37 -7.98 -8.22 7.75
CA GLU C 37 -7.05 -8.89 6.84
C GLU C 37 -5.93 -9.57 7.62
N GLU C 38 -5.39 -8.87 8.61
CA GLU C 38 -4.26 -9.34 9.42
C GLU C 38 -4.66 -10.50 10.33
N MET C 39 -5.80 -10.36 11.00
CA MET C 39 -6.32 -11.36 11.92
C MET C 39 -6.72 -12.66 11.21
N GLY C 40 -6.96 -12.56 9.90
CA GLY C 40 -7.39 -13.70 9.10
C GLY C 40 -6.30 -14.38 8.31
N ARG C 41 -5.11 -13.79 8.25
CA ARG C 41 -3.98 -14.38 7.53
C ARG C 41 -3.65 -15.79 8.02
N SER C 42 -3.26 -16.65 7.09
CA SER C 42 -2.85 -18.02 7.41
C SER C 42 -1.34 -18.18 7.30
N ASP C 43 -0.62 -17.06 7.29
CA ASP C 43 0.83 -17.06 7.11
C ASP C 43 1.53 -15.97 7.93
N LYS C 44 0.97 -15.63 9.09
CA LYS C 44 1.58 -14.64 9.96
C LYS C 44 2.89 -15.20 10.52
N PRO C 45 3.83 -14.33 10.88
CA PRO C 45 5.12 -14.82 11.39
C PRO C 45 4.94 -15.57 12.70
N GLU C 46 5.58 -16.73 12.80
CA GLU C 46 5.52 -17.53 14.02
C GLU C 46 6.64 -17.11 14.95
N GLN C 47 6.33 -16.94 16.23
CA GLN C 47 7.32 -16.61 17.24
C GLN C 47 8.36 -17.75 17.28
N PRO C 48 9.65 -17.41 17.13
CA PRO C 48 10.70 -18.43 17.16
C PRO C 48 11.07 -18.86 18.57
N THR C 49 11.78 -19.97 18.67
CA THR C 49 12.30 -20.46 19.94
C THR C 49 13.74 -19.96 20.11
N PRO C 50 14.07 -19.37 21.25
CA PRO C 50 15.45 -18.93 21.50
C PRO C 50 16.42 -20.11 21.54
N PRO C 51 17.71 -19.88 21.27
CA PRO C 51 18.71 -20.94 21.38
C PRO C 51 18.98 -21.39 22.82
N ALA C 52 19.86 -22.37 22.98
CA ALA C 52 20.12 -22.99 24.27
C ALA C 52 20.88 -22.08 25.21
N GLY C 53 20.37 -21.93 26.44
CA GLY C 53 21.05 -21.17 27.48
C GLY C 53 20.52 -19.76 27.67
N TRP C 54 19.99 -19.15 26.61
CA TRP C 54 19.56 -17.75 26.67
C TRP C 54 18.14 -17.59 27.22
N GLN C 55 17.95 -16.50 27.96
CA GLN C 55 16.66 -16.08 28.49
C GLN C 55 16.32 -14.73 27.87
N VAL C 56 15.14 -14.63 27.28
CA VAL C 56 14.68 -13.38 26.68
C VAL C 56 13.95 -12.53 27.72
N VAL C 57 14.33 -11.26 27.82
CA VAL C 57 13.75 -10.34 28.80
C VAL C 57 13.49 -8.99 28.14
N ARG C 58 12.23 -8.72 27.82
CA ARG C 58 11.81 -7.42 27.31
C ARG C 58 11.96 -6.39 28.42
N LYS C 59 12.59 -5.26 28.09
CA LYS C 59 12.66 -4.13 29.01
C LYS C 59 11.24 -3.54 29.08
N PRO C 60 10.64 -3.55 30.28
CA PRO C 60 9.23 -3.18 30.48
C PRO C 60 8.69 -2.02 29.62
N GLY C 61 7.66 -2.28 28.83
CA GLY C 61 6.98 -1.27 28.04
C GLY C 61 7.62 -0.90 26.71
N THR C 62 8.79 -1.45 26.40
CA THR C 62 9.55 -1.04 25.22
C THR C 62 9.64 -2.13 24.15
N CYS C 63 10.36 -1.82 23.07
CA CYS C 63 10.66 -2.77 22.00
C CYS C 63 12.10 -3.29 22.13
N THR C 64 12.72 -3.05 23.27
CA THR C 64 14.08 -3.51 23.52
C THR C 64 14.04 -4.83 24.29
N PHE C 65 14.84 -5.77 23.85
CA PHE C 65 14.92 -7.09 24.46
C PHE C 65 16.38 -7.44 24.75
N ASP C 66 16.61 -8.07 25.90
CA ASP C 66 17.92 -8.52 26.31
C ASP C 66 17.95 -10.04 26.38
N LEU C 67 18.73 -10.67 25.51
CA LEU C 67 19.07 -12.08 25.67
C LEU C 67 20.16 -12.14 26.72
N THR C 68 20.09 -13.10 27.64
CA THR C 68 21.09 -13.21 28.71
C THR C 68 21.48 -14.64 29.01
N LYS C 69 22.66 -14.77 29.61
CA LYS C 69 23.19 -16.06 30.09
C LYS C 69 24.58 -15.86 30.65
N SER C 70 24.94 -16.71 31.61
CA SER C 70 26.27 -16.69 32.19
C SER C 70 27.19 -17.61 31.39
N PHE C 71 28.49 -17.35 31.45
CA PHE C 71 29.47 -18.13 30.69
C PHE C 71 30.84 -18.02 31.34
N GLU C 72 31.24 -19.07 32.06
CA GLU C 72 32.55 -19.12 32.72
C GLU C 72 32.78 -17.88 33.60
N GLY C 73 31.76 -17.51 34.36
CA GLY C 73 31.83 -16.37 35.26
C GLY C 73 31.46 -15.03 34.63
N GLU C 74 31.34 -15.00 33.30
CA GLU C 74 30.99 -13.80 32.55
C GLU C 74 29.48 -13.65 32.43
N ASP C 75 28.99 -12.40 32.47
CA ASP C 75 27.59 -12.10 32.20
C ASP C 75 27.45 -11.61 30.76
N LEU C 76 26.68 -12.35 29.96
CA LEU C 76 26.47 -12.01 28.55
C LEU C 76 25.10 -11.40 28.33
N VAL C 77 25.05 -10.33 27.55
CA VAL C 77 23.79 -9.68 27.17
C VAL C 77 23.81 -9.42 25.66
N VAL C 78 22.74 -9.80 24.98
CA VAL C 78 22.58 -9.47 23.56
C VAL C 78 21.32 -8.63 23.41
N ARG C 79 21.52 -7.35 23.16
CA ARG C 79 20.43 -6.38 23.10
C ARG C 79 20.05 -6.05 21.66
N TYR C 80 18.77 -5.85 21.43
CA TYR C 80 18.24 -5.52 20.11
C TYR C 80 16.85 -4.93 20.22
N SER C 81 16.51 -4.04 19.30
CA SER C 81 15.18 -3.46 19.23
C SER C 81 14.42 -4.08 18.06
N THR C 82 13.11 -4.24 18.19
CA THR C 82 12.28 -4.75 17.10
C THR C 82 11.72 -3.61 16.26
N ASN C 83 12.06 -2.37 16.63
CA ASN C 83 11.70 -1.20 15.85
C ASN C 83 12.35 -1.29 14.48
N GLN C 84 11.61 -0.86 13.45
CA GLN C 84 12.12 -0.86 12.09
C GLN C 84 12.69 0.51 11.75
N ASP C 85 13.82 0.51 11.05
CA ASP C 85 14.47 1.76 10.62
C ASP C 85 13.96 2.16 9.24
N SER C 86 13.38 3.35 9.14
CA SER C 86 12.84 3.86 7.87
C SER C 86 13.89 4.00 6.77
N ASP C 87 15.17 3.87 7.14
CA ASP C 87 16.28 3.90 6.21
C ASP C 87 16.52 2.49 5.67
N LYS C 88 17.51 1.78 6.22
CA LYS C 88 17.77 0.40 5.86
C LYS C 88 16.69 -0.48 6.50
N ALA C 89 15.70 -0.87 5.70
CA ALA C 89 14.59 -1.68 6.18
C ALA C 89 15.05 -3.08 6.62
N ASN C 90 16.07 -3.60 5.92
CA ASN C 90 16.66 -4.90 6.27
C ASN C 90 17.66 -4.84 7.43
N SER C 91 17.71 -3.69 8.11
CA SER C 91 18.64 -3.48 9.22
C SER C 91 18.22 -4.28 10.45
N HIS C 92 19.13 -5.12 10.93
CA HIS C 92 18.92 -5.88 12.15
C HIS C 92 20.21 -5.81 12.99
N ASN C 93 20.34 -4.72 13.76
CA ASN C 93 21.51 -4.50 14.59
C ASN C 93 21.37 -5.16 15.97
N ILE C 94 22.49 -5.61 16.53
CA ILE C 94 22.54 -6.17 17.87
C ILE C 94 23.75 -5.61 18.62
N PHE C 95 23.63 -5.50 19.94
CA PHE C 95 24.71 -5.02 20.79
C PHE C 95 25.00 -6.08 21.84
N VAL C 96 26.18 -6.70 21.78
CA VAL C 96 26.52 -7.76 22.72
C VAL C 96 27.48 -7.24 23.79
N TYR C 97 27.12 -7.44 25.06
CA TYR C 97 27.93 -7.02 26.18
C TYR C 97 28.46 -8.25 26.91
N ILE C 98 29.76 -8.26 27.18
CA ILE C 98 30.42 -9.33 27.92
C ILE C 98 31.09 -8.69 29.12
N THR C 99 30.61 -9.02 30.32
CA THR C 99 31.08 -8.36 31.53
C THR C 99 31.83 -9.36 32.43
N GLN C 100 33.03 -8.96 32.86
CA GLN C 100 33.84 -9.74 33.78
C GLN C 100 33.40 -9.45 35.22
N LYS C 101 33.91 -10.23 36.16
CA LYS C 101 33.57 -10.05 37.57
C LYS C 101 33.99 -8.68 38.13
N ASN C 102 35.09 -8.12 37.62
CA ASN C 102 35.59 -6.82 38.09
C ASN C 102 34.92 -5.60 37.45
N GLY C 103 33.97 -5.82 36.53
CA GLY C 103 33.23 -4.75 35.89
C GLY C 103 33.62 -4.47 34.45
N GLN C 104 34.83 -4.85 34.07
CA GLN C 104 35.36 -4.63 32.71
C GLN C 104 34.44 -5.24 31.66
N THR C 105 33.88 -4.40 30.80
CA THR C 105 32.89 -4.84 29.82
C THR C 105 33.33 -4.60 28.38
N MET C 106 33.17 -5.63 27.54
CA MET C 106 33.35 -5.49 26.10
C MET C 106 32.00 -5.34 25.42
N GLN C 107 31.91 -4.40 24.48
CA GLN C 107 30.71 -4.19 23.67
C GLN C 107 31.04 -4.41 22.20
N ALA C 108 30.32 -5.32 21.55
CA ALA C 108 30.48 -5.58 20.13
C ALA C 108 29.19 -5.26 19.39
N ASP C 109 29.26 -4.32 18.44
CA ASP C 109 28.14 -3.99 17.57
C ASP C 109 28.18 -4.88 16.33
N LEU C 110 27.10 -5.60 16.07
CA LEU C 110 26.99 -6.41 14.85
C LEU C 110 25.65 -6.21 14.15
N SER C 111 25.65 -6.35 12.83
CA SER C 111 24.42 -6.32 12.06
C SER C 111 24.20 -7.70 11.48
N ILE C 112 22.96 -8.00 11.14
CA ILE C 112 22.60 -9.29 10.58
C ILE C 112 22.23 -9.02 9.13
N GLU C 113 23.07 -9.51 8.23
CA GLU C 113 22.94 -9.24 6.81
C GLU C 113 23.06 -10.54 6.04
N GLU C 114 21.95 -11.03 5.48
CA GLU C 114 21.92 -12.26 4.69
C GLU C 114 22.19 -13.49 5.55
N GLY C 115 21.63 -13.50 6.77
CA GLY C 115 21.81 -14.60 7.70
C GLY C 115 23.18 -14.71 8.35
N GLU C 116 24.05 -13.73 8.13
CA GLU C 116 25.39 -13.75 8.71
C GLU C 116 25.62 -12.55 9.62
N LEU C 117 26.42 -12.74 10.66
CA LEU C 117 26.78 -11.66 11.57
C LEU C 117 27.95 -10.88 11.00
N VAL C 118 27.85 -9.55 11.05
CA VAL C 118 28.89 -8.66 10.57
C VAL C 118 29.26 -7.70 11.70
N LEU C 119 30.51 -7.80 12.14
CA LEU C 119 31.04 -6.97 13.22
C LEU C 119 31.32 -5.56 12.70
N ASN C 120 30.79 -4.55 13.40
CA ASN C 120 30.93 -3.15 13.00
C ASN C 120 31.65 -2.27 14.02
N ASN C 121 31.77 -2.75 15.26
CA ASN C 121 32.43 -1.99 16.32
C ASN C 121 32.75 -2.84 17.54
N ILE C 122 33.87 -2.50 18.20
CA ILE C 122 34.30 -3.16 19.43
C ILE C 122 34.89 -2.10 20.37
N ARG C 123 34.31 -1.94 21.56
CA ARG C 123 34.81 -1.00 22.55
C ARG C 123 34.74 -1.57 23.97
N PHE C 124 35.42 -0.89 24.89
CA PHE C 124 35.51 -1.35 26.28
C PHE C 124 35.12 -0.27 27.27
N TYR C 125 34.51 -0.70 28.38
CA TYR C 125 34.12 0.18 29.49
C TYR C 125 34.62 -0.40 30.80
N ASP C 126 34.95 0.48 31.75
CA ASP C 126 35.42 0.06 33.07
C ASP C 126 34.29 -0.58 33.89
N GLU C 127 33.09 -0.01 33.79
CA GLU C 127 31.95 -0.47 34.58
C GLU C 127 30.79 -0.91 33.68
N ALA C 128 30.14 -2.01 34.08
CA ALA C 128 29.02 -2.56 33.33
C ALA C 128 27.86 -1.59 33.17
N ALA C 129 27.52 -0.88 34.25
CA ALA C 129 26.34 -0.01 34.26
C ALA C 129 26.40 1.06 33.18
N LEU C 130 27.56 1.69 33.02
CA LEU C 130 27.72 2.73 32.02
C LEU C 130 27.53 2.18 30.60
N ALA C 131 27.95 0.94 30.39
CA ALA C 131 27.77 0.28 29.09
C ALA C 131 26.30 0.04 28.75
N LYS C 132 25.50 -0.39 29.73
CA LYS C 132 24.12 -0.83 29.48
C LYS C 132 23.03 0.18 29.85
N ASP C 133 23.42 1.35 30.36
CA ASP C 133 22.45 2.36 30.80
C ASP C 133 21.74 2.98 29.58
N THR C 134 20.41 3.04 29.62
CA THR C 134 19.62 3.57 28.50
C THR C 134 19.33 5.07 28.59
N GLY C 135 19.83 5.73 29.63
CA GLY C 135 19.65 7.15 29.80
C GLY C 135 20.36 7.96 28.73
N ALA C 136 19.83 9.15 28.45
CA ALA C 136 20.46 10.09 27.53
C ALA C 136 21.79 10.61 28.08
N GLU C 137 21.84 10.86 29.38
CA GLU C 137 23.07 11.34 30.00
C GLU C 137 24.14 10.26 30.00
N ALA C 138 23.71 9.00 30.08
CA ALA C 138 24.64 7.88 29.99
C ALA C 138 25.22 7.77 28.58
N GLU C 139 24.38 7.90 27.56
CA GLU C 139 24.86 7.87 26.18
C GLU C 139 25.87 9.00 25.93
N ALA C 140 25.60 10.16 26.52
CA ALA C 140 26.50 11.31 26.40
C ALA C 140 27.86 10.99 27.02
N LYS C 141 27.85 10.29 28.14
CA LYS C 141 29.08 9.82 28.80
C LYS C 141 29.87 8.93 27.85
N ARG C 142 29.17 7.90 27.33
CA ARG C 142 29.76 6.94 26.40
C ARG C 142 30.30 7.61 25.13
N ASN C 143 29.61 8.64 24.65
CA ASN C 143 30.02 9.37 23.44
C ASN C 143 31.37 10.06 23.60
N GLU C 144 31.76 10.36 24.83
CA GLU C 144 33.03 11.02 25.11
C GLU C 144 34.20 10.03 25.07
N LEU C 145 33.93 8.76 25.37
CA LEU C 145 35.00 7.76 25.47
C LEU C 145 35.46 7.25 24.11
N TYR C 146 36.58 6.53 24.13
CA TYR C 146 37.17 5.94 22.93
C TYR C 146 36.28 4.81 22.41
N THR C 147 35.74 4.96 21.22
CA THR C 147 34.81 3.99 20.64
C THR C 147 35.49 2.80 19.98
N GLY C 148 36.82 2.73 20.03
CA GLY C 148 37.56 1.64 19.42
C GLY C 148 38.01 2.00 18.02
N PRO C 149 38.83 1.16 17.41
CA PRO C 149 39.32 1.43 16.04
C PRO C 149 38.25 1.14 15.01
N LEU C 150 38.50 1.57 13.77
CA LEU C 150 37.63 1.22 12.66
C LEU C 150 37.82 -0.26 12.36
N VAL C 151 36.82 -1.05 12.70
CA VAL C 151 36.89 -2.51 12.61
C VAL C 151 37.05 -3.02 11.18
N HIS C 152 36.50 -2.31 10.20
CA HIS C 152 36.63 -2.70 8.79
C HIS C 152 38.02 -2.41 8.22
N GLU C 153 38.96 -2.06 9.10
CA GLU C 153 40.34 -1.79 8.74
C GLU C 153 41.31 -2.69 9.53
N LEU C 154 40.78 -3.72 10.17
CA LEU C 154 41.59 -4.62 10.99
C LEU C 154 41.96 -5.88 10.22
N ASP C 155 43.10 -6.47 10.60
CA ASP C 155 43.60 -7.72 10.01
C ASP C 155 42.53 -8.79 10.04
N TYR C 156 42.61 -9.74 9.09
CA TYR C 156 41.69 -10.87 9.06
C TYR C 156 41.87 -11.76 10.28
N ASP C 157 43.11 -12.02 10.67
CA ASP C 157 43.40 -12.92 11.79
C ASP C 157 42.81 -12.41 13.11
N LEU C 158 43.03 -11.12 13.40
CA LEU C 158 42.54 -10.54 14.64
C LEU C 158 41.02 -10.55 14.69
N LEU C 159 40.40 -10.07 13.61
CA LEU C 159 38.95 -9.96 13.54
C LEU C 159 38.26 -11.33 13.49
N ASN C 160 38.88 -12.29 12.83
CA ASN C 160 38.33 -13.64 12.77
C ASN C 160 38.40 -14.34 14.12
N CYS C 161 39.41 -14.01 14.92
CA CYS C 161 39.53 -14.53 16.27
C CYS C 161 38.45 -13.94 17.18
N VAL C 162 38.11 -12.67 16.93
CA VAL C 162 37.04 -12.01 17.70
C VAL C 162 35.70 -12.66 17.35
N MET C 163 35.52 -13.04 16.08
CA MET C 163 34.30 -13.70 15.63
C MET C 163 34.14 -15.08 16.27
N THR C 164 35.24 -15.83 16.37
CA THR C 164 35.24 -17.16 16.95
C THR C 164 34.98 -17.06 18.46
N TYR C 165 35.64 -16.10 19.09
CA TYR C 165 35.45 -15.80 20.50
C TYR C 165 33.97 -15.55 20.82
N LEU C 166 33.29 -14.82 19.95
CA LEU C 166 31.85 -14.57 20.12
C LEU C 166 31.05 -15.83 19.81
N GLU C 167 31.46 -16.55 18.75
CA GLU C 167 30.76 -17.75 18.31
C GLU C 167 30.73 -18.85 19.38
N LYS C 168 31.84 -19.00 20.10
CA LYS C 168 31.91 -20.02 21.15
C LYS C 168 30.99 -19.70 22.32
N ARG C 169 30.71 -18.41 22.53
CA ARG C 169 29.81 -17.97 23.59
C ARG C 169 28.33 -17.97 23.18
N GLY C 170 28.02 -18.48 21.99
CA GLY C 170 26.65 -18.56 21.53
C GLY C 170 26.20 -17.40 20.64
N VAL C 171 27.06 -16.40 20.48
CA VAL C 171 26.76 -15.27 19.60
C VAL C 171 27.13 -15.68 18.19
N ASP C 172 26.18 -16.35 17.52
CA ASP C 172 26.43 -16.97 16.21
C ASP C 172 25.22 -16.78 15.27
N GLU C 173 25.30 -17.39 14.09
CA GLU C 173 24.29 -17.23 13.04
C GLU C 173 22.90 -17.73 13.43
N LYS C 174 22.84 -18.74 14.28
CA LYS C 174 21.56 -19.24 14.79
C LYS C 174 20.91 -18.19 15.68
N LEU C 175 21.71 -17.50 16.48
CA LEU C 175 21.20 -16.43 17.32
C LEU C 175 20.78 -15.21 16.48
N GLY C 176 21.51 -14.97 15.39
CA GLY C 176 21.17 -13.88 14.49
C GLY C 176 19.83 -14.16 13.83
N GLU C 177 19.62 -15.42 13.48
CA GLU C 177 18.38 -15.89 12.88
C GLU C 177 17.22 -15.71 13.86
N PHE C 178 17.46 -16.08 15.12
CA PHE C 178 16.44 -15.91 16.16
C PHE C 178 16.04 -14.44 16.31
N VAL C 179 17.02 -13.54 16.35
CA VAL C 179 16.75 -12.12 16.53
C VAL C 179 15.89 -11.59 15.39
N VAL C 180 16.21 -12.01 14.17
CA VAL C 180 15.48 -11.57 12.98
C VAL C 180 14.05 -12.12 12.95
N LEU C 181 13.88 -13.40 13.28
CA LEU C 181 12.55 -14.02 13.28
C LEU C 181 11.70 -13.46 14.41
N TYR C 182 12.32 -13.20 15.55
CA TYR C 182 11.61 -12.64 16.71
C TYR C 182 11.14 -11.23 16.40
N SER C 183 11.94 -10.49 15.64
CA SER C 183 11.62 -9.12 15.26
C SER C 183 10.42 -9.07 14.33
N PHE C 184 10.44 -9.91 13.28
CA PHE C 184 9.31 -10.01 12.37
C PHE C 184 8.03 -10.33 13.13
N TRP C 185 8.13 -11.22 14.12
CA TRP C 185 6.97 -11.62 14.92
C TRP C 185 6.47 -10.48 15.80
N ALA C 186 7.40 -9.76 16.42
CA ALA C 186 7.05 -8.67 17.34
C ALA C 186 6.51 -7.46 16.58
N GLU C 187 7.06 -7.20 15.40
CA GLU C 187 6.59 -6.10 14.56
C GLU C 187 5.16 -6.34 14.11
N GLN C 188 4.81 -7.60 13.86
CA GLN C 188 3.46 -7.96 13.46
C GLN C 188 2.47 -7.69 14.58
N GLN C 189 2.80 -8.11 15.80
CA GLN C 189 1.91 -7.90 16.95
C GLN C 189 1.75 -6.43 17.26
N ASP C 190 2.84 -5.67 17.21
CA ASP C 190 2.80 -4.24 17.47
C ASP C 190 2.00 -3.50 16.40
N TYR C 191 2.11 -3.96 15.16
CA TYR C 191 1.37 -3.37 14.04
C TYR C 191 -0.12 -3.56 14.24
N GLU C 192 -0.51 -4.73 14.74
CA GLU C 192 -1.90 -5.01 15.07
C GLU C 192 -2.40 -4.09 16.17
N ALA C 193 -1.55 -3.86 17.18
CA ALA C 193 -1.85 -2.93 18.26
C ALA C 193 -1.97 -1.50 17.73
N TRP C 194 -1.10 -1.18 16.78
CA TRP C 194 -1.05 0.14 16.16
C TRP C 194 -2.33 0.39 15.34
N LEU C 195 -2.81 -0.64 14.65
CA LEU C 195 -4.04 -0.54 13.87
C LEU C 195 -5.25 -0.36 14.78
N THR C 196 -5.24 -1.07 15.91
CA THR C 196 -6.32 -0.99 16.89
C THR C 196 -6.43 0.42 17.45
N THR C 197 -5.30 1.00 17.82
CA THR C 197 -5.27 2.35 18.38
C THR C 197 -5.70 3.38 17.35
N MET C 198 -5.23 3.20 16.10
CA MET C 198 -5.60 4.09 14.99
C MET C 198 -7.11 4.03 14.75
N ASN C 199 -7.68 2.83 14.86
CA ASN C 199 -9.11 2.62 14.65
C ASN C 199 -9.89 3.30 15.77
N LYS C 200 -9.33 3.30 16.98
CA LYS C 200 -9.94 3.99 18.11
C LYS C 200 -9.95 5.50 17.89
N PHE C 201 -8.89 6.01 17.27
CA PHE C 201 -8.77 7.45 16.99
C PHE C 201 -9.76 7.89 15.92
N ALA C 202 -10.10 6.97 15.02
CA ALA C 202 -11.05 7.24 13.93
C ALA C 202 -12.50 6.94 14.33
N SER C 203 -12.71 6.67 15.63
CA SER C 203 -14.04 6.42 16.18
C SER C 203 -14.53 7.64 16.92
N ALA D 22 -15.08 -52.27 -9.28
CA ALA D 22 -14.47 -50.94 -9.62
C ALA D 22 -15.31 -49.81 -9.04
N SER D 23 -14.73 -48.61 -8.98
CA SER D 23 -15.46 -47.41 -8.58
C SER D 23 -16.59 -47.14 -9.58
N ASP D 24 -16.30 -47.40 -10.85
CA ASP D 24 -17.26 -47.28 -11.95
C ASP D 24 -18.53 -48.07 -11.70
N ALA D 25 -18.37 -49.32 -11.28
CA ALA D 25 -19.50 -50.20 -11.01
C ALA D 25 -20.38 -49.66 -9.88
N ALA D 26 -19.74 -49.12 -8.83
CA ALA D 26 -20.47 -48.54 -7.70
C ALA D 26 -21.31 -47.34 -8.11
N LEU D 27 -20.78 -46.50 -9.01
CA LEU D 27 -21.50 -45.34 -9.50
C LEU D 27 -22.66 -45.77 -10.39
N ALA D 28 -22.43 -46.80 -11.21
CA ALA D 28 -23.47 -47.33 -12.11
C ALA D 28 -24.64 -47.90 -11.29
N ASP D 29 -24.32 -48.60 -10.21
CA ASP D 29 -25.31 -49.15 -9.29
C ASP D 29 -26.08 -48.02 -8.60
N ALA D 30 -25.35 -46.99 -8.18
CA ALA D 30 -25.94 -45.84 -7.49
C ALA D 30 -26.91 -45.08 -8.38
N THR D 31 -26.50 -44.80 -9.61
CA THR D 31 -27.34 -44.05 -10.57
C THR D 31 -28.52 -44.90 -11.04
N ARG D 32 -28.27 -46.17 -11.31
CA ARG D 32 -29.32 -47.10 -11.73
C ARG D 32 -30.38 -47.19 -10.62
N ARG D 33 -29.93 -47.30 -9.38
CA ARG D 33 -30.82 -47.34 -8.23
C ARG D 33 -31.64 -46.06 -8.14
N GLU D 34 -30.99 -44.93 -8.36
CA GLU D 34 -31.67 -43.63 -8.31
C GLU D 34 -32.66 -43.48 -9.46
N LEU D 35 -32.31 -44.02 -10.63
CA LEU D 35 -33.18 -43.98 -11.80
C LEU D 35 -34.44 -44.81 -11.57
N GLU D 36 -34.27 -46.00 -11.00
CA GLU D 36 -35.39 -46.87 -10.66
C GLU D 36 -36.29 -46.20 -9.62
N GLU D 37 -35.68 -45.53 -8.66
CA GLU D 37 -36.41 -44.81 -7.61
C GLU D 37 -37.30 -43.72 -8.22
N GLU D 38 -36.70 -42.89 -9.08
CA GLU D 38 -37.40 -41.77 -9.74
C GLU D 38 -38.56 -42.24 -10.62
N MET D 39 -38.30 -43.29 -11.38
CA MET D 39 -39.28 -43.87 -12.32
C MET D 39 -40.46 -44.52 -11.59
N GLY D 40 -40.20 -44.98 -10.36
CA GLY D 40 -41.21 -45.67 -9.56
C GLY D 40 -42.00 -44.74 -8.66
N ARG D 41 -41.61 -43.47 -8.59
CA ARG D 41 -42.36 -42.48 -7.83
C ARG D 41 -43.74 -42.27 -8.44
N SER D 42 -44.72 -41.98 -7.58
CA SER D 42 -46.06 -41.61 -8.02
C SER D 42 -46.44 -40.26 -7.42
N ASP D 43 -45.41 -39.43 -7.17
CA ASP D 43 -45.57 -38.11 -6.56
C ASP D 43 -44.68 -37.06 -7.24
N LYS D 44 -44.36 -37.31 -8.51
CA LYS D 44 -43.52 -36.41 -9.30
C LYS D 44 -44.33 -35.20 -9.75
N PRO D 45 -43.67 -34.11 -10.11
CA PRO D 45 -44.38 -32.92 -10.60
C PRO D 45 -45.06 -33.17 -11.95
N GLU D 46 -46.34 -32.84 -12.04
CA GLU D 46 -47.11 -32.98 -13.27
C GLU D 46 -46.87 -31.78 -14.17
N GLN D 47 -46.87 -32.00 -15.48
CA GLN D 47 -46.72 -30.91 -16.43
C GLN D 47 -47.96 -30.01 -16.42
N PRO D 48 -47.80 -28.73 -16.11
CA PRO D 48 -48.93 -27.80 -16.06
C PRO D 48 -49.51 -27.46 -17.43
N THR D 49 -50.72 -26.91 -17.41
CA THR D 49 -51.41 -26.49 -18.63
C THR D 49 -51.27 -24.96 -18.76
N PRO D 50 -50.78 -24.49 -19.90
CA PRO D 50 -50.57 -23.05 -20.11
C PRO D 50 -51.89 -22.29 -20.20
N PRO D 51 -51.96 -21.05 -19.71
CA PRO D 51 -53.18 -20.25 -19.85
C PRO D 51 -53.64 -20.14 -21.31
N ALA D 52 -54.90 -19.77 -21.49
CA ALA D 52 -55.53 -19.75 -22.82
C ALA D 52 -54.80 -18.83 -23.80
N GLY D 53 -54.67 -19.29 -25.04
CA GLY D 53 -54.04 -18.52 -26.10
C GLY D 53 -52.55 -18.79 -26.27
N TRP D 54 -51.84 -18.92 -25.15
CA TRP D 54 -50.38 -19.09 -25.19
C TRP D 54 -49.98 -20.45 -25.74
N GLN D 55 -48.83 -20.49 -26.39
CA GLN D 55 -48.29 -21.70 -26.98
C GLN D 55 -46.86 -21.89 -26.48
N VAL D 56 -46.59 -23.06 -25.91
CA VAL D 56 -45.26 -23.37 -25.38
C VAL D 56 -44.37 -23.93 -26.49
N VAL D 57 -43.17 -23.38 -26.61
CA VAL D 57 -42.21 -23.83 -27.63
C VAL D 57 -40.79 -23.87 -27.05
N ARG D 58 -40.24 -25.06 -26.92
CA ARG D 58 -38.87 -25.24 -26.47
C ARG D 58 -37.93 -24.84 -27.59
N LYS D 59 -36.84 -24.16 -27.25
CA LYS D 59 -35.77 -23.90 -28.22
C LYS D 59 -34.93 -25.17 -28.24
N PRO D 60 -34.98 -25.93 -29.34
CA PRO D 60 -34.36 -27.27 -29.44
C PRO D 60 -33.08 -27.50 -28.63
N GLY D 61 -33.12 -28.50 -27.75
CA GLY D 61 -31.96 -28.90 -26.98
C GLY D 61 -31.59 -28.03 -25.78
N THR D 62 -32.44 -27.06 -25.45
CA THR D 62 -32.16 -26.12 -24.36
C THR D 62 -33.23 -26.18 -23.26
N CYS D 63 -32.95 -25.44 -22.19
CA CYS D 63 -33.90 -25.26 -21.10
C CYS D 63 -34.64 -23.94 -21.25
N THR D 64 -34.60 -23.38 -22.46
CA THR D 64 -35.25 -22.12 -22.78
C THR D 64 -36.58 -22.39 -23.48
N PHE D 65 -37.64 -21.78 -22.96
CA PHE D 65 -38.98 -21.90 -23.52
C PHE D 65 -39.58 -20.53 -23.82
N ASP D 66 -40.39 -20.47 -24.86
CA ASP D 66 -41.07 -19.25 -25.29
C ASP D 66 -42.57 -19.48 -25.28
N LEU D 67 -43.29 -18.63 -24.57
CA LEU D 67 -44.74 -18.62 -24.61
C LEU D 67 -45.16 -17.54 -25.60
N THR D 68 -45.76 -17.95 -26.72
CA THR D 68 -46.13 -17.04 -27.78
C THR D 68 -47.65 -16.89 -27.89
N LYS D 69 -48.08 -15.66 -28.10
CA LYS D 69 -49.48 -15.33 -28.28
C LYS D 69 -49.62 -14.05 -29.10
N SER D 70 -50.68 -13.96 -29.89
CA SER D 70 -50.98 -12.75 -30.63
C SER D 70 -52.11 -12.02 -29.92
N PHE D 71 -52.04 -10.70 -29.89
CA PHE D 71 -53.00 -9.89 -29.15
C PHE D 71 -53.12 -8.48 -29.76
N GLU D 72 -54.25 -8.23 -30.42
CA GLU D 72 -54.54 -6.92 -31.02
C GLU D 72 -53.44 -6.43 -31.98
N GLY D 73 -52.96 -7.33 -32.85
CA GLY D 73 -51.92 -7.00 -33.80
C GLY D 73 -50.49 -7.14 -33.29
N GLU D 74 -50.34 -7.25 -31.97
CA GLU D 74 -49.03 -7.38 -31.33
C GLU D 74 -48.58 -8.84 -31.29
N ASP D 75 -47.27 -9.06 -31.37
CA ASP D 75 -46.69 -10.38 -31.17
C ASP D 75 -46.08 -10.42 -29.78
N LEU D 76 -46.64 -11.25 -28.90
CA LEU D 76 -46.16 -11.36 -27.52
C LEU D 76 -45.28 -12.59 -27.35
N VAL D 77 -44.25 -12.47 -26.53
CA VAL D 77 -43.36 -13.58 -26.20
C VAL D 77 -42.94 -13.46 -24.74
N VAL D 78 -43.17 -14.51 -23.97
CA VAL D 78 -42.71 -14.58 -22.58
C VAL D 78 -41.65 -15.68 -22.49
N ARG D 79 -40.42 -15.27 -22.21
CA ARG D 79 -39.28 -16.18 -22.24
C ARG D 79 -38.76 -16.47 -20.84
N TYR D 80 -38.44 -17.74 -20.59
CA TYR D 80 -37.89 -18.16 -19.31
C TYR D 80 -37.01 -19.38 -19.51
N SER D 81 -36.18 -19.66 -18.51
CA SER D 81 -35.35 -20.87 -18.50
C SER D 81 -35.74 -21.72 -17.30
N THR D 82 -35.66 -23.04 -17.45
CA THR D 82 -35.97 -23.97 -16.35
C THR D 82 -34.74 -24.32 -15.52
N ASN D 83 -33.59 -23.75 -15.87
CA ASN D 83 -32.35 -23.93 -15.09
C ASN D 83 -32.45 -23.29 -13.71
N GLN D 84 -31.79 -23.91 -12.74
CA GLN D 84 -31.76 -23.40 -11.37
C GLN D 84 -30.47 -22.62 -11.16
N ASP D 85 -30.60 -21.37 -10.73
CA ASP D 85 -29.43 -20.53 -10.42
C ASP D 85 -28.83 -21.00 -9.09
N SER D 86 -27.52 -21.29 -9.12
CA SER D 86 -26.81 -21.81 -7.95
C SER D 86 -26.92 -20.94 -6.69
N ASP D 87 -27.10 -19.64 -6.87
CA ASP D 87 -27.27 -18.71 -5.75
C ASP D 87 -28.74 -18.49 -5.40
N LYS D 88 -29.53 -18.10 -6.41
CA LYS D 88 -30.95 -17.78 -6.21
C LYS D 88 -31.87 -18.95 -6.57
N ALA D 89 -32.52 -19.52 -5.56
CA ALA D 89 -33.47 -20.62 -5.75
C ALA D 89 -34.85 -20.30 -5.20
N ASN D 90 -35.16 -19.00 -5.11
CA ASN D 90 -36.46 -18.53 -4.60
C ASN D 90 -37.22 -17.63 -5.59
N SER D 91 -36.66 -17.43 -6.78
CA SER D 91 -37.26 -16.54 -7.78
C SER D 91 -36.96 -17.00 -9.20
N HIS D 92 -37.97 -16.89 -10.07
CA HIS D 92 -37.85 -17.27 -11.47
C HIS D 92 -37.98 -16.00 -12.32
N ASN D 93 -37.00 -15.75 -13.17
CA ASN D 93 -37.01 -14.55 -14.01
C ASN D 93 -37.64 -14.80 -15.38
N ILE D 94 -38.48 -13.87 -15.83
CA ILE D 94 -39.08 -13.95 -17.16
C ILE D 94 -38.78 -12.69 -17.97
N PHE D 95 -38.78 -12.83 -19.29
CA PHE D 95 -38.51 -11.71 -20.19
C PHE D 95 -39.65 -11.58 -21.18
N VAL D 96 -40.46 -10.53 -21.00
CA VAL D 96 -41.66 -10.31 -21.80
C VAL D 96 -41.38 -9.36 -22.98
N TYR D 97 -41.58 -9.85 -24.19
CA TYR D 97 -41.40 -9.07 -25.41
C TYR D 97 -42.76 -8.76 -26.04
N ILE D 98 -42.97 -7.49 -26.38
CA ILE D 98 -44.17 -7.03 -27.07
C ILE D 98 -43.74 -6.32 -28.35
N THR D 99 -43.96 -6.94 -29.50
CA THR D 99 -43.54 -6.37 -30.78
C THR D 99 -44.71 -5.81 -31.59
N GLN D 100 -44.55 -4.59 -32.07
CA GLN D 100 -45.54 -3.93 -32.91
C GLN D 100 -45.41 -4.40 -34.35
N LYS D 101 -46.32 -3.97 -35.21
CA LYS D 101 -46.31 -4.36 -36.61
C LYS D 101 -45.08 -3.83 -37.37
N ASN D 102 -44.54 -2.70 -36.90
CA ASN D 102 -43.34 -2.11 -37.49
C ASN D 102 -42.02 -2.62 -36.88
N GLY D 103 -42.11 -3.62 -36.00
CA GLY D 103 -40.94 -4.24 -35.40
C GLY D 103 -40.46 -3.70 -34.06
N GLN D 104 -40.81 -2.44 -33.74
CA GLN D 104 -40.42 -1.84 -32.45
C GLN D 104 -40.90 -2.73 -31.31
N THR D 105 -39.99 -3.06 -30.38
CA THR D 105 -40.27 -4.07 -29.34
C THR D 105 -39.98 -3.60 -27.90
N MET D 106 -40.95 -3.76 -27.02
CA MET D 106 -40.76 -3.56 -25.59
C MET D 106 -40.27 -4.85 -24.93
N GLN D 107 -39.31 -4.74 -24.01
CA GLN D 107 -38.87 -5.85 -23.19
C GLN D 107 -39.08 -5.51 -21.73
N ALA D 108 -39.82 -6.36 -21.01
CA ALA D 108 -40.02 -6.17 -19.57
C ALA D 108 -39.42 -7.35 -18.82
N ASP D 109 -38.49 -7.07 -17.92
CA ASP D 109 -37.90 -8.12 -17.08
C ASP D 109 -38.68 -8.18 -15.79
N LEU D 110 -39.22 -9.34 -15.47
CA LEU D 110 -39.95 -9.54 -14.22
C LEU D 110 -39.41 -10.76 -13.49
N SER D 111 -39.55 -10.75 -12.17
CA SER D 111 -39.21 -11.91 -11.34
C SER D 111 -40.47 -12.35 -10.60
N ILE D 112 -40.65 -13.66 -10.49
CA ILE D 112 -41.81 -14.23 -9.82
C ILE D 112 -41.42 -14.50 -8.37
N GLU D 113 -42.15 -13.90 -7.45
CA GLU D 113 -41.80 -13.94 -6.03
C GLU D 113 -43.05 -14.06 -5.19
N GLU D 114 -43.19 -15.18 -4.49
CA GLU D 114 -44.37 -15.47 -3.66
C GLU D 114 -45.65 -15.38 -4.47
N GLY D 115 -45.65 -16.03 -5.64
CA GLY D 115 -46.78 -16.01 -6.55
C GLY D 115 -47.11 -14.65 -7.15
N GLU D 116 -46.22 -13.67 -6.96
CA GLU D 116 -46.45 -12.29 -7.38
C GLU D 116 -45.36 -11.83 -8.35
N LEU D 117 -45.77 -11.15 -9.42
CA LEU D 117 -44.82 -10.61 -10.40
C LEU D 117 -44.29 -9.25 -9.97
N VAL D 118 -42.97 -9.10 -10.03
CA VAL D 118 -42.30 -7.85 -9.71
C VAL D 118 -41.58 -7.38 -10.98
N LEU D 119 -41.93 -6.17 -11.42
CA LEU D 119 -41.32 -5.56 -12.59
C LEU D 119 -39.96 -5.01 -12.20
N ASN D 120 -38.94 -5.36 -12.96
CA ASN D 120 -37.57 -4.98 -12.64
C ASN D 120 -36.88 -4.10 -13.68
N ASN D 121 -37.34 -4.16 -14.92
CA ASN D 121 -36.75 -3.34 -15.97
C ASN D 121 -37.68 -3.22 -17.19
N ILE D 122 -37.64 -2.05 -17.82
CA ILE D 122 -38.44 -1.78 -19.03
C ILE D 122 -37.55 -1.09 -20.05
N ARG D 123 -37.49 -1.64 -21.26
CA ARG D 123 -36.67 -1.05 -22.32
C ARG D 123 -37.27 -1.29 -23.71
N PHE D 124 -36.84 -0.48 -24.69
CA PHE D 124 -37.34 -0.58 -26.06
C PHE D 124 -36.21 -0.78 -27.07
N TYR D 125 -36.55 -1.46 -28.17
CA TYR D 125 -35.64 -1.70 -29.29
C TYR D 125 -36.38 -1.38 -30.60
N ASP D 126 -35.65 -0.89 -31.61
CA ASP D 126 -36.28 -0.55 -32.89
C ASP D 126 -36.71 -1.78 -33.70
N GLU D 127 -36.08 -2.93 -33.46
CA GLU D 127 -36.48 -4.16 -34.18
C GLU D 127 -36.49 -5.41 -33.31
N ALA D 128 -37.40 -6.33 -33.66
CA ALA D 128 -37.61 -7.58 -32.95
C ALA D 128 -36.37 -8.45 -32.83
N ALA D 129 -35.62 -8.57 -33.93
CA ALA D 129 -34.43 -9.40 -33.98
C ALA D 129 -33.41 -8.94 -32.94
N LEU D 130 -33.22 -7.64 -32.87
CA LEU D 130 -32.32 -7.05 -31.90
C LEU D 130 -32.70 -7.43 -30.46
N ALA D 131 -33.98 -7.37 -30.15
CA ALA D 131 -34.47 -7.66 -28.80
C ALA D 131 -34.46 -9.16 -28.47
N LYS D 132 -34.81 -9.99 -29.44
CA LYS D 132 -35.07 -11.41 -29.20
C LYS D 132 -33.97 -12.34 -29.68
N ASP D 133 -32.97 -11.81 -30.39
CA ASP D 133 -31.88 -12.66 -30.90
C ASP D 133 -31.20 -13.33 -29.72
N THR D 134 -30.96 -14.62 -29.86
CA THR D 134 -30.22 -15.38 -28.85
C THR D 134 -28.76 -15.36 -29.28
N GLY D 135 -27.85 -15.57 -28.33
CA GLY D 135 -26.43 -15.58 -28.61
C GLY D 135 -25.66 -14.52 -27.84
N ALA D 136 -24.33 -14.66 -27.86
CA ALA D 136 -23.43 -13.78 -27.12
C ALA D 136 -23.30 -12.41 -27.77
N GLU D 137 -23.16 -12.38 -29.09
CA GLU D 137 -22.99 -11.13 -29.82
C GLU D 137 -24.24 -10.28 -29.73
N ALA D 138 -25.40 -10.92 -29.87
CA ALA D 138 -26.69 -10.25 -29.78
C ALA D 138 -26.86 -9.64 -28.39
N GLU D 139 -26.36 -10.33 -27.37
CA GLU D 139 -26.42 -9.82 -25.99
C GLU D 139 -25.56 -8.57 -25.84
N ALA D 140 -24.36 -8.60 -26.42
CA ALA D 140 -23.43 -7.47 -26.36
C ALA D 140 -23.98 -6.22 -27.05
N LYS D 141 -24.74 -6.41 -28.14
CA LYS D 141 -25.37 -5.30 -28.84
C LYS D 141 -26.40 -4.63 -27.92
N ARG D 142 -27.19 -5.44 -27.23
CA ARG D 142 -28.16 -4.94 -26.27
C ARG D 142 -27.51 -4.19 -25.10
N ASN D 143 -26.41 -4.74 -24.58
CA ASN D 143 -25.70 -4.16 -23.44
C ASN D 143 -25.28 -2.71 -23.65
N GLU D 144 -25.03 -2.34 -24.91
CA GLU D 144 -24.60 -1.01 -25.27
C GLU D 144 -25.74 0.01 -25.36
N LEU D 145 -26.95 -0.46 -25.61
CA LEU D 145 -28.09 0.44 -25.80
C LEU D 145 -28.65 0.91 -24.48
N TYR D 146 -29.48 1.95 -24.53
CA TYR D 146 -30.16 2.49 -23.36
C TYR D 146 -31.10 1.45 -22.77
N THR D 147 -30.78 0.98 -21.57
CA THR D 147 -31.55 -0.07 -20.91
C THR D 147 -32.81 0.44 -20.21
N GLY D 148 -33.04 1.75 -20.27
CA GLY D 148 -34.20 2.33 -19.63
C GLY D 148 -33.89 2.82 -18.22
N PRO D 149 -34.84 3.55 -17.63
CA PRO D 149 -34.69 4.13 -16.28
C PRO D 149 -34.70 3.08 -15.17
N LEU D 150 -34.32 3.49 -13.97
CA LEU D 150 -34.38 2.61 -12.81
C LEU D 150 -35.82 2.58 -12.33
N VAL D 151 -36.44 1.41 -12.35
CA VAL D 151 -37.85 1.26 -11.99
C VAL D 151 -38.15 1.73 -10.57
N HIS D 152 -37.20 1.57 -9.65
CA HIS D 152 -37.37 2.04 -8.28
C HIS D 152 -37.52 3.57 -8.19
N GLU D 153 -37.02 4.28 -9.20
CA GLU D 153 -37.12 5.74 -9.29
C GLU D 153 -38.38 6.20 -10.02
N LEU D 154 -39.14 5.27 -10.60
CA LEU D 154 -40.36 5.61 -11.33
C LEU D 154 -41.54 5.85 -10.40
N ASP D 155 -42.42 6.76 -10.80
CA ASP D 155 -43.63 7.10 -10.05
C ASP D 155 -44.57 5.92 -9.95
N TYR D 156 -45.33 5.87 -8.87
CA TYR D 156 -46.28 4.80 -8.63
C TYR D 156 -47.33 4.66 -9.73
N ASP D 157 -47.87 5.79 -10.19
CA ASP D 157 -48.97 5.77 -11.14
C ASP D 157 -48.51 5.18 -12.47
N LEU D 158 -47.35 5.63 -12.94
CA LEU D 158 -46.80 5.16 -14.20
C LEU D 158 -46.46 3.68 -14.16
N LEU D 159 -45.76 3.25 -13.13
CA LEU D 159 -45.31 1.87 -13.00
C LEU D 159 -46.50 0.94 -12.83
N ASN D 160 -47.47 1.40 -12.04
CA ASN D 160 -48.70 0.65 -11.80
C ASN D 160 -49.51 0.46 -13.09
N CYS D 161 -49.45 1.45 -13.98
CA CYS D 161 -50.14 1.39 -15.26
C CYS D 161 -49.47 0.41 -16.23
N VAL D 162 -48.16 0.25 -16.12
CA VAL D 162 -47.45 -0.74 -16.94
C VAL D 162 -47.84 -2.15 -16.51
N MET D 163 -47.94 -2.38 -15.22
CA MET D 163 -48.36 -3.67 -14.67
C MET D 163 -49.74 -4.06 -15.19
N THR D 164 -50.66 -3.10 -15.19
CA THR D 164 -52.02 -3.30 -15.69
C THR D 164 -51.98 -3.61 -17.17
N TYR D 165 -51.21 -2.81 -17.90
CA TYR D 165 -51.01 -2.99 -19.34
C TYR D 165 -50.50 -4.39 -19.64
N LEU D 166 -49.60 -4.90 -18.81
CA LEU D 166 -49.06 -6.25 -18.98
C LEU D 166 -50.10 -7.30 -18.62
N GLU D 167 -50.84 -7.06 -17.54
CA GLU D 167 -51.87 -7.96 -17.06
C GLU D 167 -52.96 -8.22 -18.10
N LYS D 168 -53.39 -7.15 -18.77
CA LYS D 168 -54.41 -7.24 -19.82
C LYS D 168 -54.00 -8.18 -20.95
N ARG D 169 -52.69 -8.27 -21.21
CA ARG D 169 -52.16 -9.11 -22.27
C ARG D 169 -51.86 -10.55 -21.84
N GLY D 170 -52.24 -10.92 -20.62
CA GLY D 170 -52.03 -12.26 -20.12
C GLY D 170 -50.81 -12.43 -19.22
N VAL D 171 -50.01 -11.38 -19.12
CA VAL D 171 -48.82 -11.39 -18.27
C VAL D 171 -49.25 -11.09 -16.83
N ASP D 172 -49.60 -12.14 -16.10
CA ASP D 172 -50.18 -12.01 -14.76
C ASP D 172 -49.77 -13.15 -13.83
N GLU D 173 -50.35 -13.17 -12.63
CA GLU D 173 -50.04 -14.19 -11.64
C GLU D 173 -50.30 -15.62 -12.12
N LYS D 174 -51.34 -15.83 -12.92
CA LYS D 174 -51.63 -17.15 -13.48
C LYS D 174 -50.53 -17.63 -14.44
N LEU D 175 -49.92 -16.70 -15.17
CA LEU D 175 -48.84 -17.03 -16.08
C LEU D 175 -47.58 -17.38 -15.29
N GLY D 176 -47.32 -16.65 -14.23
CA GLY D 176 -46.17 -16.88 -13.38
C GLY D 176 -46.21 -18.24 -12.70
N GLU D 177 -47.41 -18.66 -12.30
CA GLU D 177 -47.61 -19.95 -11.65
C GLU D 177 -47.34 -21.06 -12.65
N PHE D 178 -47.75 -20.86 -13.91
CA PHE D 178 -47.43 -21.81 -14.96
C PHE D 178 -45.92 -21.96 -15.11
N VAL D 179 -45.19 -20.84 -15.09
CA VAL D 179 -43.74 -20.85 -15.27
C VAL D 179 -43.05 -21.58 -14.13
N VAL D 180 -43.50 -21.36 -12.90
CA VAL D 180 -42.92 -22.00 -11.73
C VAL D 180 -43.21 -23.50 -11.75
N LEU D 181 -44.42 -23.85 -12.13
CA LEU D 181 -44.87 -25.24 -12.19
C LEU D 181 -44.23 -25.98 -13.35
N TYR D 182 -44.04 -25.29 -14.48
CA TYR D 182 -43.43 -25.89 -15.64
C TYR D 182 -41.94 -26.13 -15.35
N SER D 183 -41.33 -25.17 -14.64
CA SER D 183 -39.92 -25.28 -14.27
C SER D 183 -39.66 -26.48 -13.37
N PHE D 184 -40.53 -26.70 -12.38
CA PHE D 184 -40.42 -27.87 -11.50
C PHE D 184 -40.52 -29.14 -12.33
N TRP D 185 -41.54 -29.19 -13.19
CA TRP D 185 -41.78 -30.37 -14.03
C TRP D 185 -40.56 -30.64 -14.91
N ALA D 186 -40.12 -29.63 -15.65
CA ALA D 186 -38.98 -29.75 -16.57
C ALA D 186 -37.67 -30.11 -15.88
N GLU D 187 -37.47 -29.65 -14.65
CA GLU D 187 -36.24 -29.96 -13.89
C GLU D 187 -36.22 -31.42 -13.51
N GLN D 188 -37.40 -31.99 -13.23
CA GLN D 188 -37.51 -33.41 -12.95
C GLN D 188 -37.14 -34.24 -14.18
N GLN D 189 -37.57 -33.76 -15.36
CA GLN D 189 -37.33 -34.46 -16.62
C GLN D 189 -35.85 -34.46 -16.97
N ASP D 190 -35.20 -33.32 -16.76
CA ASP D 190 -33.79 -33.16 -17.06
C ASP D 190 -32.92 -33.92 -16.08
N TYR D 191 -33.37 -34.01 -14.83
CA TYR D 191 -32.65 -34.75 -13.80
C TYR D 191 -32.64 -36.23 -14.17
N GLU D 192 -33.78 -36.72 -14.65
CA GLU D 192 -33.91 -38.13 -15.02
C GLU D 192 -33.01 -38.47 -16.22
N ALA D 193 -32.94 -37.56 -17.18
CA ALA D 193 -32.06 -37.72 -18.34
C ALA D 193 -30.59 -37.59 -17.91
N TRP D 194 -30.34 -36.78 -16.89
CA TRP D 194 -28.99 -36.60 -16.36
C TRP D 194 -28.51 -37.88 -15.66
N LEU D 195 -29.44 -38.59 -15.00
CA LEU D 195 -29.12 -39.84 -14.32
C LEU D 195 -28.75 -40.93 -15.31
N THR D 196 -29.56 -41.05 -16.37
CA THR D 196 -29.30 -42.01 -17.43
C THR D 196 -27.96 -41.76 -18.12
N THR D 197 -27.67 -40.48 -18.38
CA THR D 197 -26.41 -40.08 -19.01
C THR D 197 -25.21 -40.36 -18.12
N MET D 198 -25.33 -40.12 -16.82
CA MET D 198 -24.24 -40.41 -15.89
C MET D 198 -24.07 -41.92 -15.74
N ASN D 199 -25.18 -42.65 -15.81
CA ASN D 199 -25.16 -44.10 -15.74
C ASN D 199 -24.44 -44.68 -16.95
N LYS D 200 -24.75 -44.12 -18.12
CA LYS D 200 -24.07 -44.46 -19.37
C LYS D 200 -22.58 -44.23 -19.20
N PHE D 201 -22.24 -43.16 -18.51
CA PHE D 201 -20.86 -42.77 -18.23
C PHE D 201 -20.15 -43.77 -17.34
N ALA D 202 -20.85 -44.26 -16.31
CA ALA D 202 -20.32 -45.24 -15.38
C ALA D 202 -20.36 -46.68 -15.92
N SER D 203 -20.90 -46.85 -17.13
CA SER D 203 -21.01 -48.17 -17.76
C SER D 203 -19.94 -48.34 -18.84
N ALA E 22 12.08 15.09 -15.47
CA ALA E 22 11.18 14.35 -14.53
C ALA E 22 9.71 14.71 -14.78
N SER E 23 8.99 13.82 -15.44
CA SER E 23 7.56 13.97 -15.70
C SER E 23 6.83 12.69 -15.29
N ASP E 24 7.22 11.56 -15.90
CA ASP E 24 6.75 10.25 -15.50
C ASP E 24 7.84 9.49 -14.74
N ALA E 25 9.01 10.13 -14.59
CA ALA E 25 10.15 9.53 -13.89
C ALA E 25 9.82 9.11 -12.46
N ALA E 26 8.84 9.77 -11.84
CA ALA E 26 8.36 9.34 -10.52
C ALA E 26 7.73 7.94 -10.57
N LEU E 27 6.96 7.67 -11.63
CA LEU E 27 6.36 6.34 -11.82
C LEU E 27 7.40 5.31 -12.26
N ALA E 28 8.38 5.73 -13.05
CA ALA E 28 9.46 4.85 -13.48
C ALA E 28 10.24 4.36 -12.25
N ASP E 29 10.47 5.27 -11.31
CA ASP E 29 11.22 5.00 -10.08
C ASP E 29 10.44 4.20 -9.05
N ALA E 30 9.14 4.45 -8.96
CA ALA E 30 8.29 3.74 -8.00
C ALA E 30 8.18 2.28 -8.41
N THR E 31 7.99 2.03 -9.71
CA THR E 31 7.93 0.68 -10.26
C THR E 31 9.31 0.01 -10.24
N ARG E 32 10.36 0.81 -10.36
CA ARG E 32 11.74 0.32 -10.31
C ARG E 32 12.05 -0.14 -8.89
N ARG E 33 11.68 0.69 -7.92
CA ARG E 33 11.87 0.39 -6.51
C ARG E 33 11.08 -0.86 -6.11
N GLU E 34 9.83 -0.93 -6.54
CA GLU E 34 8.94 -2.05 -6.22
C GLU E 34 9.47 -3.35 -6.81
N LEU E 35 10.00 -3.27 -8.03
CA LEU E 35 10.51 -4.44 -8.73
C LEU E 35 11.75 -5.01 -8.04
N GLU E 36 12.61 -4.12 -7.55
CA GLU E 36 13.82 -4.50 -6.83
C GLU E 36 13.48 -5.21 -5.51
N GLU E 37 12.50 -4.65 -4.79
CA GLU E 37 12.06 -5.20 -3.52
C GLU E 37 11.43 -6.59 -3.66
N GLU E 38 10.84 -6.87 -4.82
CA GLU E 38 10.23 -8.19 -5.08
C GLU E 38 11.30 -9.23 -5.39
N MET E 39 12.28 -8.86 -6.21
CA MET E 39 13.35 -9.77 -6.61
C MET E 39 14.34 -10.03 -5.47
N GLY E 40 14.34 -9.15 -4.46
CA GLY E 40 15.22 -9.27 -3.32
C GLY E 40 14.62 -10.08 -2.18
N ARG E 41 13.35 -10.47 -2.33
CA ARG E 41 12.67 -11.27 -1.31
C ARG E 41 13.23 -12.68 -1.25
N SER E 42 13.18 -13.27 -0.05
CA SER E 42 13.64 -14.63 0.19
C SER E 42 12.48 -15.54 0.66
N ASP E 43 11.26 -15.03 0.54
CA ASP E 43 10.06 -15.77 0.94
C ASP E 43 9.05 -15.88 -0.21
N LYS E 44 9.56 -15.86 -1.44
CA LYS E 44 8.70 -15.93 -2.63
C LYS E 44 8.35 -17.38 -2.97
N PRO E 45 7.16 -17.59 -3.53
CA PRO E 45 6.69 -18.93 -3.90
C PRO E 45 7.52 -19.54 -5.04
N GLU E 46 7.78 -20.84 -4.94
CA GLU E 46 8.51 -21.59 -5.96
C GLU E 46 7.55 -22.49 -6.71
N GLN E 47 7.80 -22.71 -8.00
CA GLN E 47 6.92 -23.53 -8.84
C GLN E 47 6.77 -24.95 -8.27
N PRO E 48 5.57 -25.32 -7.82
CA PRO E 48 5.33 -26.67 -7.33
C PRO E 48 5.39 -27.71 -8.45
N THR E 49 5.65 -28.96 -8.07
CA THR E 49 5.71 -30.05 -9.06
C THR E 49 4.31 -30.59 -9.31
N PRO E 50 3.95 -30.78 -10.58
CA PRO E 50 2.65 -31.36 -10.91
C PRO E 50 2.60 -32.85 -10.57
N PRO E 51 1.54 -33.31 -9.88
CA PRO E 51 1.39 -34.72 -9.54
C PRO E 51 1.64 -35.66 -10.73
N ALA E 52 2.02 -36.90 -10.42
CA ALA E 52 2.40 -37.88 -11.44
C ALA E 52 1.37 -37.98 -12.56
N GLY E 53 1.85 -38.03 -13.81
CA GLY E 53 1.00 -38.21 -14.98
C GLY E 53 0.49 -36.92 -15.59
N TRP E 54 0.05 -36.00 -14.74
CA TRP E 54 -0.52 -34.73 -15.19
C TRP E 54 0.53 -33.85 -15.87
N GLN E 55 0.28 -33.50 -17.13
CA GLN E 55 1.11 -32.55 -17.87
C GLN E 55 0.48 -31.17 -17.78
N VAL E 56 1.30 -30.16 -17.48
CA VAL E 56 0.81 -28.78 -17.38
C VAL E 56 1.04 -28.05 -18.70
N VAL E 57 0.00 -27.36 -19.17
CA VAL E 57 0.08 -26.58 -20.42
C VAL E 57 -0.56 -25.22 -20.23
N ARG E 58 0.09 -24.20 -20.78
CA ARG E 58 -0.40 -22.84 -20.74
C ARG E 58 -1.03 -22.52 -22.10
N LYS E 59 -2.27 -22.06 -22.09
CA LYS E 59 -2.93 -21.65 -23.33
C LYS E 59 -2.21 -20.41 -23.86
N PRO E 60 -1.72 -20.49 -25.11
CA PRO E 60 -0.84 -19.47 -25.70
C PRO E 60 -1.10 -18.02 -25.24
N GLY E 61 -0.31 -17.56 -24.27
CA GLY E 61 -0.36 -16.19 -23.81
C GLY E 61 -1.60 -15.83 -23.01
N THR E 62 -1.93 -16.67 -22.03
CA THR E 62 -3.08 -16.45 -21.15
C THR E 62 -2.78 -16.95 -19.73
N CYS E 63 -3.72 -16.75 -18.82
CA CYS E 63 -3.62 -17.27 -17.46
C CYS E 63 -4.43 -18.56 -17.27
N THR E 64 -4.81 -19.20 -18.38
CA THR E 64 -5.57 -20.44 -18.34
C THR E 64 -4.63 -21.63 -18.49
N PHE E 65 -4.56 -22.46 -17.44
CA PHE E 65 -3.70 -23.65 -17.45
C PHE E 65 -4.54 -24.93 -17.39
N ASP E 66 -4.24 -25.87 -18.28
CA ASP E 66 -4.89 -27.18 -18.29
C ASP E 66 -3.96 -28.27 -17.78
N LEU E 67 -4.48 -29.11 -16.89
CA LEU E 67 -3.77 -30.27 -16.39
C LEU E 67 -4.36 -31.50 -17.05
N THR E 68 -3.71 -31.99 -18.13
CA THR E 68 -4.22 -33.13 -18.89
C THR E 68 -3.59 -34.45 -18.47
N LYS E 69 -4.12 -35.55 -19.02
CA LYS E 69 -3.67 -36.92 -18.73
C LYS E 69 -4.75 -37.91 -19.16
N SER E 70 -4.34 -39.13 -19.52
CA SER E 70 -5.27 -40.19 -19.88
C SER E 70 -5.58 -41.10 -18.69
N PHE E 71 -6.72 -41.78 -18.74
CA PHE E 71 -7.13 -42.71 -17.70
C PHE E 71 -8.09 -43.76 -18.24
N GLU E 72 -7.55 -44.93 -18.59
CA GLU E 72 -8.35 -46.06 -19.07
C GLU E 72 -9.26 -45.71 -20.25
N GLY E 73 -8.68 -45.05 -21.25
CA GLY E 73 -9.41 -44.68 -22.46
C GLY E 73 -10.15 -43.34 -22.38
N GLU E 74 -9.99 -42.63 -21.27
CA GLU E 74 -10.65 -41.34 -21.08
C GLU E 74 -9.65 -40.19 -21.09
N ASP E 75 -10.02 -39.09 -21.75
CA ASP E 75 -9.20 -37.89 -21.79
C ASP E 75 -9.63 -36.94 -20.68
N LEU E 76 -8.74 -36.72 -19.72
CA LEU E 76 -9.03 -35.86 -18.57
C LEU E 76 -8.35 -34.51 -18.72
N VAL E 77 -9.03 -33.47 -18.23
CA VAL E 77 -8.54 -32.10 -18.29
C VAL E 77 -9.04 -31.33 -17.07
N VAL E 78 -8.12 -30.81 -16.27
CA VAL E 78 -8.47 -30.03 -15.07
C VAL E 78 -8.06 -28.59 -15.32
N ARG E 79 -9.04 -27.74 -15.59
CA ARG E 79 -8.81 -26.35 -15.98
C ARG E 79 -8.97 -25.39 -14.82
N TYR E 80 -8.02 -24.47 -14.72
CA TYR E 80 -8.05 -23.40 -13.72
C TYR E 80 -7.35 -22.17 -14.27
N SER E 81 -7.71 -21.00 -13.75
CA SER E 81 -7.04 -19.76 -14.12
C SER E 81 -6.26 -19.21 -12.93
N THR E 82 -5.20 -18.46 -13.21
CA THR E 82 -4.37 -17.85 -12.18
C THR E 82 -4.73 -16.37 -11.97
N ASN E 83 -5.80 -15.93 -12.64
CA ASN E 83 -6.35 -14.59 -12.43
C ASN E 83 -6.94 -14.47 -11.03
N GLN E 84 -6.95 -13.26 -10.51
CA GLN E 84 -7.50 -12.99 -9.18
C GLN E 84 -8.72 -12.07 -9.25
N ASP E 85 -9.61 -12.21 -8.27
CA ASP E 85 -10.80 -11.37 -8.17
C ASP E 85 -10.85 -10.68 -6.81
N SER E 86 -11.54 -9.53 -6.75
CA SER E 86 -11.69 -8.76 -5.53
C SER E 86 -12.75 -9.39 -4.62
N ASN E 90 -8.54 -15.42 -2.23
CA ASN E 90 -8.30 -16.82 -1.86
C ASN E 90 -9.36 -17.76 -2.42
N SER E 91 -9.93 -17.39 -3.56
CA SER E 91 -10.94 -18.20 -4.25
C SER E 91 -10.26 -19.00 -5.37
N HIS E 92 -10.38 -20.33 -5.32
CA HIS E 92 -9.72 -21.20 -6.29
C HIS E 92 -10.66 -22.27 -6.84
N ASN E 93 -11.12 -22.09 -8.08
CA ASN E 93 -12.01 -23.04 -8.72
C ASN E 93 -11.31 -23.86 -9.80
N ILE E 94 -11.82 -25.07 -10.03
CA ILE E 94 -11.32 -25.96 -11.07
C ILE E 94 -12.49 -26.57 -11.85
N PHE E 95 -12.28 -26.80 -13.14
CA PHE E 95 -13.27 -27.43 -14.00
C PHE E 95 -12.69 -28.72 -14.56
N VAL E 96 -13.20 -29.86 -14.08
CA VAL E 96 -12.71 -31.16 -14.49
C VAL E 96 -13.55 -31.70 -15.65
N TYR E 97 -12.92 -31.91 -16.80
CA TYR E 97 -13.59 -32.46 -17.97
C TYR E 97 -13.11 -33.89 -18.19
N ILE E 98 -14.05 -34.83 -18.22
CA ILE E 98 -13.74 -36.23 -18.49
C ILE E 98 -14.44 -36.61 -19.79
N THR E 99 -13.67 -36.88 -20.83
CA THR E 99 -14.21 -37.23 -22.13
C THR E 99 -13.94 -38.71 -22.40
N GLN E 100 -14.80 -39.33 -23.19
CA GLN E 100 -14.64 -40.73 -23.57
C GLN E 100 -14.52 -40.85 -25.09
N LYS E 101 -14.16 -42.04 -25.57
CA LYS E 101 -13.97 -42.26 -27.00
C LYS E 101 -15.16 -41.79 -27.84
N ASN E 102 -16.35 -41.88 -27.27
CA ASN E 102 -17.59 -41.47 -27.93
C ASN E 102 -17.71 -39.94 -28.11
N GLY E 103 -17.03 -39.20 -27.23
CA GLY E 103 -17.09 -37.75 -27.22
C GLY E 103 -17.90 -37.23 -26.03
N GLN E 104 -18.63 -38.14 -25.39
CA GLN E 104 -19.43 -37.83 -24.22
C GLN E 104 -18.53 -37.23 -23.14
N THR E 105 -18.87 -36.02 -22.69
CA THR E 105 -18.05 -35.27 -21.74
C THR E 105 -18.82 -34.94 -20.46
N MET E 106 -18.25 -35.29 -19.32
CA MET E 106 -18.73 -34.82 -18.03
C MET E 106 -17.92 -33.59 -17.64
N GLN E 107 -18.58 -32.61 -17.02
CA GLN E 107 -17.90 -31.45 -16.46
C GLN E 107 -18.21 -31.39 -14.98
N ALA E 108 -17.18 -31.39 -14.15
CA ALA E 108 -17.35 -31.25 -12.70
C ALA E 108 -16.73 -29.93 -12.24
N ASP E 109 -17.51 -29.12 -11.55
CA ASP E 109 -17.03 -27.86 -10.99
C ASP E 109 -16.69 -28.11 -9.54
N LEU E 110 -15.45 -27.83 -9.15
CA LEU E 110 -15.05 -27.97 -7.75
C LEU E 110 -14.32 -26.72 -7.25
N SER E 111 -14.56 -26.38 -5.99
CA SER E 111 -13.84 -25.31 -5.32
C SER E 111 -12.91 -25.92 -4.27
N ILE E 112 -11.72 -25.35 -4.14
CA ILE E 112 -10.72 -25.82 -3.19
C ILE E 112 -10.75 -24.89 -1.98
N GLU E 113 -11.31 -25.37 -0.87
CA GLU E 113 -11.44 -24.56 0.34
C GLU E 113 -10.08 -24.43 1.04
N GLU E 114 -9.67 -25.47 1.79
CA GLU E 114 -8.40 -25.46 2.51
C GLU E 114 -7.70 -26.81 2.33
N GLY E 115 -7.16 -27.03 1.13
CA GLY E 115 -6.55 -28.30 0.77
C GLY E 115 -7.58 -29.32 0.27
N GLU E 116 -8.80 -29.25 0.79
CA GLU E 116 -9.87 -30.19 0.46
C GLU E 116 -10.65 -29.81 -0.79
N LEU E 117 -11.51 -30.71 -1.24
CA LEU E 117 -12.33 -30.50 -2.45
C LEU E 117 -13.82 -30.54 -2.16
N VAL E 118 -14.54 -29.59 -2.75
CA VAL E 118 -15.99 -29.46 -2.58
C VAL E 118 -16.65 -29.44 -3.96
N LEU E 119 -17.46 -30.46 -4.23
CA LEU E 119 -18.16 -30.57 -5.50
C LEU E 119 -19.32 -29.58 -5.54
N ASN E 120 -19.34 -28.74 -6.57
CA ASN E 120 -20.34 -27.67 -6.68
C ASN E 120 -21.33 -27.86 -7.82
N ASN E 121 -20.94 -28.59 -8.87
CA ASN E 121 -21.78 -28.75 -10.06
C ASN E 121 -21.33 -29.90 -10.96
N ILE E 122 -22.29 -30.62 -11.54
CA ILE E 122 -22.02 -31.70 -12.50
C ILE E 122 -22.98 -31.65 -13.67
N ARG E 123 -22.43 -31.62 -14.89
CA ARG E 123 -23.24 -31.58 -16.11
C ARG E 123 -22.64 -32.43 -17.22
N PHE E 124 -23.34 -32.51 -18.35
CA PHE E 124 -22.89 -33.33 -19.48
C PHE E 124 -23.08 -32.63 -20.83
N TYR E 125 -22.28 -33.05 -21.81
CA TYR E 125 -22.32 -32.53 -23.18
C TYR E 125 -22.18 -33.70 -24.18
N ASP E 126 -22.74 -33.52 -25.37
CA ASP E 126 -22.62 -34.53 -26.43
C ASP E 126 -21.17 -34.66 -26.90
N GLU E 127 -20.54 -33.53 -27.21
CA GLU E 127 -19.15 -33.50 -27.66
C GLU E 127 -18.26 -32.68 -26.74
N ALA E 128 -16.97 -33.02 -26.71
CA ALA E 128 -16.00 -32.35 -25.86
C ALA E 128 -15.73 -30.91 -26.28
N ALA E 129 -15.97 -30.59 -27.55
CA ALA E 129 -15.72 -29.25 -28.08
C ALA E 129 -16.55 -28.21 -27.34
N LEU E 130 -17.87 -28.38 -27.36
CA LEU E 130 -18.79 -27.45 -26.70
C LEU E 130 -18.49 -27.28 -25.20
N ALA E 131 -17.89 -28.29 -24.58
CA ALA E 131 -17.56 -28.24 -23.15
C ALA E 131 -16.32 -27.39 -22.85
N LYS E 132 -15.25 -27.63 -23.60
CA LYS E 132 -13.95 -27.01 -23.34
C LYS E 132 -13.71 -25.73 -24.15
N ASP E 133 -14.63 -25.41 -25.05
CA ASP E 133 -14.48 -24.26 -25.93
C ASP E 133 -14.58 -22.96 -25.13
N THR E 134 -13.52 -22.15 -25.15
CA THR E 134 -13.61 -20.78 -24.61
C THR E 134 -14.24 -19.90 -25.68
N GLY E 135 -14.41 -18.62 -25.38
CA GLY E 135 -15.03 -17.72 -26.35
C GLY E 135 -16.50 -17.54 -26.05
N ALA E 136 -17.01 -16.38 -26.44
CA ALA E 136 -18.35 -15.93 -26.07
C ALA E 136 -19.52 -16.84 -26.49
N GLU E 137 -19.55 -17.26 -27.75
CA GLU E 137 -20.68 -18.03 -28.27
C GLU E 137 -20.77 -19.42 -27.66
N ALA E 138 -19.62 -20.04 -27.40
CA ALA E 138 -19.60 -21.34 -26.75
C ALA E 138 -20.20 -21.22 -25.35
N GLU E 139 -19.75 -20.21 -24.62
CA GLU E 139 -20.26 -19.91 -23.28
C GLU E 139 -21.77 -19.72 -23.31
N ALA E 140 -22.25 -18.92 -24.27
CA ALA E 140 -23.67 -18.64 -24.42
C ALA E 140 -24.48 -19.93 -24.62
N LYS E 141 -23.99 -20.81 -25.49
CA LYS E 141 -24.67 -22.08 -25.76
C LYS E 141 -24.72 -22.95 -24.50
N ARG E 142 -23.65 -22.94 -23.71
CA ARG E 142 -23.60 -23.71 -22.47
C ARG E 142 -24.63 -23.18 -21.46
N ASN E 143 -24.74 -21.86 -21.36
CA ASN E 143 -25.70 -21.24 -20.43
C ASN E 143 -27.15 -21.63 -20.71
N GLU E 144 -27.44 -21.99 -21.96
CA GLU E 144 -28.79 -22.41 -22.33
C GLU E 144 -29.09 -23.86 -21.99
N LEU E 145 -28.07 -24.71 -21.93
CA LEU E 145 -28.27 -26.13 -21.63
C LEU E 145 -28.56 -26.40 -20.16
N TYR E 146 -29.01 -27.62 -19.88
CA TYR E 146 -29.25 -28.08 -18.52
C TYR E 146 -27.93 -28.04 -17.76
N THR E 147 -27.87 -27.25 -16.69
CA THR E 147 -26.63 -27.07 -15.93
C THR E 147 -26.40 -28.20 -14.91
N GLY E 148 -27.37 -29.09 -14.77
CA GLY E 148 -27.26 -30.19 -13.83
C GLY E 148 -28.02 -29.88 -12.56
N PRO E 149 -28.29 -30.90 -11.74
CA PRO E 149 -29.06 -30.69 -10.51
C PRO E 149 -28.20 -29.98 -9.47
N LEU E 150 -28.82 -29.54 -8.38
CA LEU E 150 -28.08 -28.98 -7.27
C LEU E 150 -27.43 -30.13 -6.52
N VAL E 151 -26.10 -30.21 -6.61
CA VAL E 151 -25.33 -31.32 -6.04
C VAL E 151 -25.57 -31.53 -4.53
N HIS E 152 -25.91 -30.46 -3.82
CA HIS E 152 -26.21 -30.51 -2.39
C HIS E 152 -27.39 -31.42 -2.07
N GLU E 153 -28.44 -31.32 -2.88
CA GLU E 153 -29.67 -32.10 -2.70
C GLU E 153 -29.56 -33.56 -3.12
N LEU E 154 -28.45 -33.94 -3.76
CA LEU E 154 -28.27 -35.30 -4.27
C LEU E 154 -28.20 -36.35 -3.16
N ASP E 155 -28.79 -37.52 -3.45
CA ASP E 155 -28.72 -38.68 -2.56
C ASP E 155 -27.26 -38.92 -2.18
N TYR E 156 -26.98 -38.97 -0.87
CA TYR E 156 -25.60 -39.02 -0.38
C TYR E 156 -24.83 -40.28 -0.78
N ASP E 157 -25.53 -41.38 -1.07
CA ASP E 157 -24.87 -42.58 -1.59
C ASP E 157 -24.33 -42.33 -2.99
N LEU E 158 -25.12 -41.68 -3.83
CA LEU E 158 -24.68 -41.29 -5.17
C LEU E 158 -23.57 -40.24 -5.10
N LEU E 159 -23.71 -39.29 -4.18
CA LEU E 159 -22.74 -38.21 -4.03
C LEU E 159 -21.37 -38.74 -3.62
N ASN E 160 -21.35 -39.73 -2.73
CA ASN E 160 -20.12 -40.40 -2.35
C ASN E 160 -19.50 -41.11 -3.56
N CYS E 161 -20.34 -41.82 -4.31
CA CYS E 161 -19.87 -42.58 -5.47
C CYS E 161 -19.26 -41.73 -6.57
N VAL E 162 -19.75 -40.50 -6.74
CA VAL E 162 -19.20 -39.58 -7.73
C VAL E 162 -17.86 -39.04 -7.25
N MET E 163 -17.78 -38.65 -5.97
CA MET E 163 -16.55 -38.14 -5.40
C MET E 163 -15.44 -39.19 -5.45
N THR E 164 -15.80 -40.44 -5.15
CA THR E 164 -14.87 -41.57 -5.25
C THR E 164 -14.44 -41.78 -6.69
N TYR E 165 -15.40 -41.66 -7.60
CA TYR E 165 -15.15 -41.79 -9.04
C TYR E 165 -14.10 -40.77 -9.49
N LEU E 166 -14.16 -39.57 -8.90
CA LEU E 166 -13.22 -38.49 -9.22
C LEU E 166 -11.85 -38.72 -8.60
N GLU E 167 -11.83 -39.08 -7.32
CA GLU E 167 -10.59 -39.30 -6.57
C GLU E 167 -9.73 -40.44 -7.14
N LYS E 168 -10.39 -41.40 -7.79
CA LYS E 168 -9.72 -42.53 -8.44
C LYS E 168 -9.02 -42.10 -9.74
N ARG E 169 -9.30 -40.88 -10.20
CA ARG E 169 -8.71 -40.33 -11.42
C ARG E 169 -7.64 -39.26 -11.15
N GLY E 170 -7.25 -39.12 -9.89
CA GLY E 170 -6.24 -38.14 -9.50
C GLY E 170 -6.81 -36.80 -9.08
N VAL E 171 -8.13 -36.65 -9.20
CA VAL E 171 -8.81 -35.43 -8.82
C VAL E 171 -9.11 -35.50 -7.32
N ASP E 172 -8.10 -35.16 -6.52
CA ASP E 172 -8.16 -35.33 -5.06
C ASP E 172 -7.60 -34.12 -4.32
N GLU E 173 -7.36 -34.27 -3.01
CA GLU E 173 -6.90 -33.18 -2.15
C GLU E 173 -5.47 -32.76 -2.44
N LYS E 174 -4.65 -33.68 -2.96
CA LYS E 174 -3.27 -33.38 -3.35
C LYS E 174 -3.18 -32.61 -4.67
N LEU E 175 -4.22 -32.72 -5.50
CA LEU E 175 -4.29 -31.95 -6.74
C LEU E 175 -4.74 -30.53 -6.44
N GLY E 176 -5.75 -30.43 -5.57
CA GLY E 176 -6.20 -29.14 -5.08
C GLY E 176 -5.09 -28.39 -4.36
N GLU E 177 -4.13 -29.13 -3.79
CA GLU E 177 -2.97 -28.54 -3.16
C GLU E 177 -2.03 -27.95 -4.20
N PHE E 178 -1.81 -28.69 -5.30
CA PHE E 178 -0.94 -28.24 -6.37
C PHE E 178 -1.45 -26.92 -6.96
N VAL E 179 -2.65 -26.98 -7.54
CA VAL E 179 -3.30 -25.84 -8.18
C VAL E 179 -3.20 -24.55 -7.36
N VAL E 180 -3.50 -24.63 -6.07
CA VAL E 180 -3.45 -23.48 -5.17
C VAL E 180 -2.04 -22.90 -5.13
N LEU E 181 -1.06 -23.76 -4.88
CA LEU E 181 0.34 -23.35 -4.85
C LEU E 181 0.83 -22.86 -6.22
N TYR E 182 0.39 -23.49 -7.29
CA TYR E 182 0.77 -23.07 -8.65
C TYR E 182 0.18 -21.71 -8.99
N SER E 183 -1.00 -21.43 -8.46
CA SER E 183 -1.66 -20.15 -8.70
C SER E 183 -0.87 -19.02 -8.06
N PHE E 184 -0.45 -19.22 -6.81
CA PHE E 184 0.36 -18.26 -6.09
C PHE E 184 1.66 -17.95 -6.83
N TRP E 185 2.25 -18.98 -7.42
CA TRP E 185 3.50 -18.84 -8.17
C TRP E 185 3.32 -18.01 -9.43
N ALA E 186 2.34 -18.39 -10.25
CA ALA E 186 2.05 -17.72 -11.51
C ALA E 186 1.63 -16.26 -11.28
N GLU E 187 0.91 -16.03 -10.20
CA GLU E 187 0.47 -14.69 -9.82
C GLU E 187 1.64 -13.77 -9.52
N GLN E 188 2.70 -14.34 -8.93
CA GLN E 188 3.92 -13.58 -8.64
C GLN E 188 4.67 -13.24 -9.92
N GLN E 189 4.71 -14.18 -10.87
CA GLN E 189 5.41 -13.96 -12.15
C GLN E 189 4.69 -12.94 -13.01
N ASP E 190 3.36 -12.97 -12.99
CA ASP E 190 2.55 -11.99 -13.72
C ASP E 190 2.72 -10.61 -13.10
N TYR E 191 2.79 -10.55 -11.77
CA TYR E 191 2.96 -9.28 -11.06
C TYR E 191 4.29 -8.61 -11.39
N GLU E 192 5.35 -9.40 -11.47
CA GLU E 192 6.68 -8.88 -11.78
C GLU E 192 6.76 -8.36 -13.21
N ALA E 193 6.15 -9.10 -14.13
CA ALA E 193 6.08 -8.70 -15.54
C ALA E 193 5.18 -7.48 -15.70
N TRP E 194 4.22 -7.35 -14.79
CA TRP E 194 3.30 -6.22 -14.77
C TRP E 194 4.04 -4.94 -14.36
N LEU E 195 4.87 -5.03 -13.32
CA LEU E 195 5.71 -3.90 -12.89
C LEU E 195 6.75 -3.59 -13.97
N THR E 196 7.20 -4.62 -14.67
CA THR E 196 8.15 -4.46 -15.76
C THR E 196 7.50 -3.69 -16.90
N THR E 197 6.32 -4.14 -17.31
CA THR E 197 5.56 -3.48 -18.37
C THR E 197 5.28 -2.02 -18.01
N MET E 198 4.81 -1.77 -16.80
CA MET E 198 4.45 -0.42 -16.38
C MET E 198 5.65 0.49 -16.30
N ASN E 199 6.80 -0.07 -15.88
CA ASN E 199 8.05 0.69 -15.79
C ASN E 199 8.49 1.17 -17.17
N LYS E 200 8.48 0.26 -18.14
CA LYS E 200 8.76 0.59 -19.53
C LYS E 200 7.70 1.54 -20.11
N PHE E 201 6.54 1.57 -19.48
CA PHE E 201 5.45 2.45 -19.89
C PHE E 201 5.69 3.88 -19.44
N ALA E 202 6.34 4.04 -18.28
CA ALA E 202 6.65 5.35 -17.72
C ALA E 202 7.99 5.89 -18.21
N SER E 203 8.71 5.08 -18.98
CA SER E 203 10.02 5.47 -19.51
C SER E 203 9.90 6.07 -20.91
N ALA F 22 -57.75 -0.83 -24.65
CA ALA F 22 -58.68 -0.63 -23.50
C ALA F 22 -57.96 0.07 -22.34
N SER F 23 -57.17 -0.67 -21.58
CA SER F 23 -56.39 -0.11 -20.46
C SER F 23 -55.11 0.56 -20.95
N ASP F 24 -54.98 0.70 -22.27
CA ASP F 24 -53.87 1.42 -22.87
C ASP F 24 -54.02 2.92 -22.57
N ALA F 25 -55.27 3.37 -22.52
CA ALA F 25 -55.59 4.78 -22.28
C ALA F 25 -55.08 5.28 -20.92
N ALA F 26 -55.08 4.41 -19.93
CA ALA F 26 -54.57 4.76 -18.61
C ALA F 26 -53.05 4.95 -18.64
N LEU F 27 -52.35 4.05 -19.33
CA LEU F 27 -50.89 4.15 -19.45
C LEU F 27 -50.51 5.33 -20.35
N ALA F 28 -51.30 5.57 -21.38
CA ALA F 28 -51.06 6.69 -22.30
C ALA F 28 -51.18 8.03 -21.57
N ASP F 29 -52.10 8.10 -20.60
CA ASP F 29 -52.32 9.31 -19.81
C ASP F 29 -51.19 9.52 -18.83
N ALA F 30 -50.81 8.45 -18.13
CA ALA F 30 -49.71 8.50 -17.17
C ALA F 30 -48.42 8.96 -17.84
N THR F 31 -48.11 8.39 -19.00
CA THR F 31 -46.90 8.74 -19.74
C THR F 31 -46.94 10.14 -20.31
N ARG F 32 -48.13 10.57 -20.73
CA ARG F 32 -48.32 11.90 -21.28
C ARG F 32 -48.09 12.95 -20.18
N ARG F 33 -48.72 12.73 -19.03
CA ARG F 33 -48.58 13.63 -17.89
C ARG F 33 -47.12 13.73 -17.44
N GLU F 34 -46.42 12.60 -17.44
CA GLU F 34 -45.00 12.56 -17.07
C GLU F 34 -44.17 13.33 -18.09
N LEU F 35 -44.47 13.13 -19.37
CA LEU F 35 -43.81 13.89 -20.44
C LEU F 35 -44.04 15.39 -20.23
N GLU F 36 -45.26 15.75 -19.86
CA GLU F 36 -45.62 17.15 -19.62
C GLU F 36 -44.86 17.71 -18.40
N GLU F 37 -44.65 16.88 -17.39
CA GLU F 37 -43.90 17.27 -16.19
C GLU F 37 -42.43 17.52 -16.52
N GLU F 38 -41.83 16.61 -17.28
CA GLU F 38 -40.41 16.68 -17.64
C GLU F 38 -40.09 17.82 -18.60
N MET F 39 -40.94 17.98 -19.61
CA MET F 39 -40.78 19.03 -20.62
C MET F 39 -40.98 20.43 -20.05
N GLY F 40 -41.64 20.52 -18.88
CA GLY F 40 -41.95 21.80 -18.26
C GLY F 40 -41.21 22.11 -16.97
N ARG F 41 -40.19 21.31 -16.63
CA ARG F 41 -39.37 21.57 -15.44
C ARG F 41 -38.44 22.76 -15.68
N SER F 42 -38.03 23.41 -14.59
CA SER F 42 -37.07 24.52 -14.66
C SER F 42 -35.72 24.17 -14.04
N ASP F 43 -35.56 22.92 -13.61
CA ASP F 43 -34.35 22.47 -12.92
C ASP F 43 -33.75 21.23 -13.59
N LYS F 44 -33.91 21.15 -14.91
CA LYS F 44 -33.45 19.98 -15.65
C LYS F 44 -31.92 19.96 -15.73
N PRO F 45 -31.33 18.77 -15.81
CA PRO F 45 -29.88 18.65 -15.95
C PRO F 45 -29.36 19.48 -17.12
N GLU F 46 -28.33 20.26 -16.86
CA GLU F 46 -27.73 21.12 -17.86
C GLU F 46 -26.52 20.41 -18.47
N GLN F 47 -26.51 20.27 -19.79
CA GLN F 47 -25.38 19.64 -20.47
C GLN F 47 -24.08 20.38 -20.12
N PRO F 48 -23.06 19.65 -19.66
CA PRO F 48 -21.78 20.26 -19.31
C PRO F 48 -20.87 20.43 -20.51
N THR F 49 -19.86 21.27 -20.35
CA THR F 49 -18.88 21.50 -21.40
C THR F 49 -17.60 20.73 -21.05
N PRO F 50 -17.09 19.93 -21.99
CA PRO F 50 -15.93 19.06 -21.74
C PRO F 50 -14.63 19.81 -21.45
N PRO F 51 -13.75 19.26 -20.61
CA PRO F 51 -12.46 19.89 -20.32
C PRO F 51 -11.59 20.10 -21.56
N ALA F 52 -10.61 20.99 -21.45
CA ALA F 52 -9.78 21.39 -22.59
C ALA F 52 -9.06 20.20 -23.22
N GLY F 53 -9.01 20.19 -24.55
CA GLY F 53 -8.31 19.16 -25.29
C GLY F 53 -9.17 17.98 -25.71
N TRP F 54 -10.14 17.60 -24.87
CA TRP F 54 -10.94 16.40 -25.11
C TRP F 54 -12.03 16.60 -26.15
N GLN F 55 -12.19 15.59 -27.02
CA GLN F 55 -13.27 15.51 -27.99
C GLN F 55 -14.26 14.47 -27.49
N VAL F 56 -15.55 14.77 -27.59
CA VAL F 56 -16.60 13.85 -27.15
C VAL F 56 -17.27 13.29 -28.39
N VAL F 57 -17.33 11.96 -28.48
CA VAL F 57 -17.94 11.26 -29.62
C VAL F 57 -18.78 10.08 -29.16
N ARG F 58 -20.10 10.19 -29.33
CA ARG F 58 -20.99 9.08 -29.06
C ARG F 58 -20.72 7.98 -30.06
N LYS F 59 -20.70 6.73 -29.60
CA LYS F 59 -20.61 5.60 -30.52
C LYS F 59 -21.99 5.42 -31.14
N PRO F 60 -22.08 5.51 -32.46
CA PRO F 60 -23.36 5.52 -33.21
C PRO F 60 -24.50 4.69 -32.60
N GLY F 61 -25.55 5.37 -32.15
CA GLY F 61 -26.77 4.73 -31.68
C GLY F 61 -26.70 4.01 -30.34
N THR F 62 -25.69 4.33 -29.51
CA THR F 62 -25.53 3.69 -28.20
C THR F 62 -25.46 4.72 -27.07
N CYS F 63 -25.31 4.24 -25.84
CA CYS F 63 -25.13 5.08 -24.67
C CYS F 63 -23.66 5.21 -24.27
N THR F 64 -22.76 4.69 -25.11
CA THR F 64 -21.33 4.74 -24.84
C THR F 64 -20.70 6.00 -25.45
N PHE F 65 -19.76 6.59 -24.71
CA PHE F 65 -19.08 7.80 -25.14
C PHE F 65 -17.58 7.68 -24.91
N ASP F 66 -16.81 8.22 -25.85
CA ASP F 66 -15.36 8.25 -25.76
C ASP F 66 -14.88 9.68 -25.71
N LEU F 67 -14.07 9.99 -24.70
CA LEU F 67 -13.41 11.27 -24.57
C LEU F 67 -12.01 11.04 -25.12
N THR F 68 -11.68 11.72 -26.23
CA THR F 68 -10.40 11.49 -26.91
C THR F 68 -9.52 12.72 -26.92
N LYS F 69 -8.23 12.46 -26.99
CA LYS F 69 -7.22 13.51 -27.07
C LYS F 69 -5.85 12.86 -27.17
N SER F 70 -4.96 13.46 -27.95
CA SER F 70 -3.58 13.00 -28.05
C SER F 70 -2.77 13.63 -26.92
N PHE F 71 -1.68 12.97 -26.53
CA PHE F 71 -0.82 13.47 -25.45
C PHE F 71 0.59 12.93 -25.59
N GLU F 72 1.47 13.78 -26.13
CA GLU F 72 2.89 13.43 -26.31
C GLU F 72 3.06 12.07 -26.97
N GLY F 73 2.33 11.87 -28.06
CA GLY F 73 2.42 10.65 -28.86
C GLY F 73 1.43 9.56 -28.48
N GLU F 74 0.78 9.72 -27.33
CA GLU F 74 -0.18 8.75 -26.83
C GLU F 74 -1.59 9.07 -27.34
N ASP F 75 -2.38 8.02 -27.55
CA ASP F 75 -3.80 8.16 -27.85
C ASP F 75 -4.55 7.87 -26.55
N LEU F 76 -5.19 8.90 -25.98
CA LEU F 76 -5.97 8.73 -24.76
C LEU F 76 -7.44 8.62 -25.07
N VAL F 77 -8.10 7.64 -24.46
CA VAL F 77 -9.55 7.47 -24.58
C VAL F 77 -10.12 7.26 -23.19
N VAL F 78 -11.09 8.08 -22.80
CA VAL F 78 -11.82 7.86 -21.55
C VAL F 78 -13.25 7.46 -21.91
N ARG F 79 -13.56 6.19 -21.69
CA ARG F 79 -14.83 5.61 -22.09
C ARG F 79 -15.77 5.49 -20.90
N TYR F 80 -17.03 5.87 -21.11
CA TYR F 80 -18.05 5.73 -20.08
C TYR F 80 -19.39 5.51 -20.73
N SER F 81 -20.29 4.86 -19.99
CA SER F 81 -21.66 4.66 -20.44
C SER F 81 -22.57 5.49 -19.56
N THR F 82 -23.63 6.06 -20.16
CA THR F 82 -24.62 6.83 -19.41
C THR F 82 -25.72 5.94 -18.86
N ASN F 83 -25.72 4.66 -19.26
CA ASN F 83 -26.64 3.67 -18.68
C ASN F 83 -26.51 3.65 -17.17
N GLN F 84 -27.62 3.40 -16.48
CA GLN F 84 -27.63 3.33 -15.03
C GLN F 84 -27.69 1.87 -14.57
N ASP F 85 -26.93 1.56 -13.52
CA ASP F 85 -26.89 0.20 -12.97
C ASP F 85 -27.90 0.06 -11.84
N SER F 86 -28.84 -0.88 -12.00
CA SER F 86 -29.92 -1.12 -11.02
C SER F 86 -29.44 -1.47 -9.61
N ASP F 87 -28.15 -1.78 -9.46
CA ASP F 87 -27.57 -2.06 -8.15
C ASP F 87 -27.08 -0.78 -7.48
N LYS F 88 -25.85 -0.35 -7.78
CA LYS F 88 -25.33 0.91 -7.28
C LYS F 88 -25.69 2.00 -8.28
N ALA F 89 -26.82 2.67 -8.04
CA ALA F 89 -27.35 3.71 -8.94
C ALA F 89 -26.51 4.98 -8.96
N ASN F 90 -25.67 5.17 -7.93
CA ASN F 90 -24.79 6.33 -7.84
C ASN F 90 -23.34 6.00 -8.20
N SER F 91 -23.13 4.93 -8.97
CA SER F 91 -21.80 4.50 -9.39
C SER F 91 -21.53 4.95 -10.82
N HIS F 92 -20.41 5.63 -11.01
CA HIS F 92 -20.00 6.10 -12.33
C HIS F 92 -18.62 5.55 -12.64
N ASN F 93 -18.57 4.46 -13.40
CA ASN F 93 -17.31 3.85 -13.79
C ASN F 93 -16.82 4.42 -15.10
N ILE F 94 -15.51 4.59 -15.23
CA ILE F 94 -14.88 5.00 -16.48
C ILE F 94 -13.73 4.05 -16.83
N PHE F 95 -13.39 3.98 -18.10
CA PHE F 95 -12.30 3.13 -18.55
C PHE F 95 -11.30 3.96 -19.35
N VAL F 96 -10.14 4.21 -18.75
CA VAL F 96 -9.09 5.02 -19.36
C VAL F 96 -8.13 4.14 -20.16
N TYR F 97 -7.97 4.45 -21.44
CA TYR F 97 -7.06 3.72 -22.34
C TYR F 97 -5.91 4.63 -22.79
N ILE F 98 -4.68 4.21 -22.54
CA ILE F 98 -3.50 4.96 -22.93
C ILE F 98 -2.70 4.09 -23.89
N THR F 99 -2.59 4.53 -25.14
CA THR F 99 -1.99 3.71 -26.19
C THR F 99 -0.72 4.37 -26.72
N GLN F 100 0.36 3.59 -26.75
CA GLN F 100 1.62 4.02 -27.34
C GLN F 100 1.59 3.75 -28.84
N LYS F 101 2.63 4.20 -29.53
CA LYS F 101 2.73 4.05 -30.98
C LYS F 101 2.80 2.59 -31.44
N ASN F 102 3.38 1.71 -30.62
CA ASN F 102 3.52 0.29 -30.97
C ASN F 102 2.32 -0.61 -30.61
N GLY F 103 1.24 -0.01 -30.08
CA GLY F 103 0.05 -0.75 -29.71
C GLY F 103 -0.12 -0.96 -28.20
N GLN F 104 0.98 -0.97 -27.46
CA GLN F 104 0.98 -1.16 -26.00
C GLN F 104 -0.05 -0.27 -25.33
N THR F 105 -1.09 -0.88 -24.77
CA THR F 105 -2.19 -0.14 -24.17
C THR F 105 -2.35 -0.43 -22.68
N MET F 106 -2.32 0.62 -21.86
CA MET F 106 -2.68 0.49 -20.46
C MET F 106 -4.17 0.77 -20.31
N GLN F 107 -4.85 -0.06 -19.55
CA GLN F 107 -6.26 0.17 -19.23
C GLN F 107 -6.41 0.37 -17.73
N ALA F 108 -6.83 1.56 -17.33
CA ALA F 108 -7.11 1.86 -15.93
C ALA F 108 -8.61 2.00 -15.71
N ASP F 109 -9.15 1.21 -14.79
CA ASP F 109 -10.56 1.30 -14.39
C ASP F 109 -10.66 2.18 -13.16
N LEU F 110 -11.48 3.22 -13.23
CA LEU F 110 -11.73 4.06 -12.07
C LEU F 110 -13.23 4.26 -11.86
N SER F 111 -13.63 4.37 -10.60
CA SER F 111 -14.98 4.74 -10.24
C SER F 111 -14.95 6.18 -9.73
N ILE F 112 -16.04 6.91 -9.94
CA ILE F 112 -16.14 8.29 -9.50
C ILE F 112 -17.01 8.29 -8.26
N GLU F 113 -16.40 8.54 -7.11
CA GLU F 113 -17.07 8.46 -5.81
C GLU F 113 -16.90 9.74 -5.02
N GLU F 114 -17.98 10.51 -4.87
CA GLU F 114 -17.97 11.75 -4.10
C GLU F 114 -16.98 12.76 -4.69
N GLY F 115 -16.93 12.81 -6.03
CA GLY F 115 -15.99 13.68 -6.74
C GLY F 115 -14.55 13.18 -6.76
N GLU F 116 -14.30 12.04 -6.11
CA GLU F 116 -12.97 11.46 -6.02
C GLU F 116 -12.81 10.40 -7.11
N LEU F 117 -11.62 10.34 -7.69
CA LEU F 117 -11.27 9.27 -8.62
C LEU F 117 -10.66 8.13 -7.81
N VAL F 118 -11.23 6.94 -7.95
CA VAL F 118 -10.77 5.76 -7.23
C VAL F 118 -10.34 4.70 -8.24
N LEU F 119 -9.06 4.35 -8.20
CA LEU F 119 -8.48 3.37 -9.09
C LEU F 119 -8.84 1.97 -8.59
N ASN F 120 -9.41 1.16 -9.45
CA ASN F 120 -9.88 -0.19 -9.13
C ASN F 120 -9.14 -1.28 -9.90
N ASN F 121 -8.56 -0.93 -11.04
CA ASN F 121 -7.85 -1.93 -11.85
C ASN F 121 -6.86 -1.29 -12.81
N ILE F 122 -5.74 -1.96 -13.03
CA ILE F 122 -4.75 -1.55 -14.00
C ILE F 122 -4.25 -2.80 -14.72
N ARG F 123 -4.45 -2.84 -16.04
CA ARG F 123 -3.99 -3.96 -16.87
C ARG F 123 -3.40 -3.48 -18.19
N PHE F 124 -2.73 -4.40 -18.89
CA PHE F 124 -2.05 -4.08 -20.14
C PHE F 124 -2.45 -5.01 -21.27
N TYR F 125 -2.35 -4.48 -22.48
CA TYR F 125 -2.62 -5.21 -23.72
C TYR F 125 -1.53 -4.87 -24.72
N ASP F 126 -1.25 -5.79 -25.64
CA ASP F 126 -0.21 -5.55 -26.65
C ASP F 126 -0.74 -4.73 -27.83
N GLU F 127 -2.04 -4.85 -28.11
CA GLU F 127 -2.65 -4.12 -29.22
C GLU F 127 -3.88 -3.31 -28.76
N ALA F 128 -3.99 -2.10 -29.30
CA ALA F 128 -5.09 -1.19 -28.95
C ALA F 128 -6.46 -1.77 -29.30
N ALA F 129 -6.57 -2.40 -30.47
CA ALA F 129 -7.83 -2.94 -30.95
C ALA F 129 -8.50 -3.87 -29.93
N LEU F 130 -7.73 -4.81 -29.38
CA LEU F 130 -8.27 -5.76 -28.43
C LEU F 130 -8.69 -5.10 -27.11
N ALA F 131 -7.99 -4.03 -26.72
CA ALA F 131 -8.32 -3.31 -25.50
C ALA F 131 -9.65 -2.56 -25.62
N LYS F 132 -9.85 -1.89 -26.75
CA LYS F 132 -10.99 -0.98 -26.93
C LYS F 132 -12.16 -1.55 -27.74
N ASP F 133 -12.06 -2.78 -28.23
CA ASP F 133 -13.10 -3.30 -29.12
C ASP F 133 -14.28 -3.88 -28.35
N THR F 134 -15.47 -3.38 -28.68
CA THR F 134 -16.70 -4.01 -28.19
C THR F 134 -16.86 -5.34 -28.93
N GLY F 135 -17.86 -6.11 -28.54
CA GLY F 135 -18.06 -7.42 -29.13
C GLY F 135 -17.84 -8.48 -28.08
N ALA F 136 -18.68 -9.51 -28.10
CA ALA F 136 -18.64 -10.57 -27.11
C ALA F 136 -17.36 -11.38 -27.19
N GLU F 137 -16.88 -11.65 -28.40
CA GLU F 137 -15.68 -12.47 -28.58
C GLU F 137 -14.44 -11.72 -28.12
N ALA F 138 -14.36 -10.43 -28.44
CA ALA F 138 -13.28 -9.59 -27.94
C ALA F 138 -13.22 -9.66 -26.41
N GLU F 139 -14.37 -9.48 -25.75
CA GLU F 139 -14.43 -9.54 -24.29
C GLU F 139 -13.91 -10.87 -23.73
N ALA F 140 -14.29 -11.97 -24.38
CA ALA F 140 -13.85 -13.30 -23.94
C ALA F 140 -12.34 -13.49 -24.12
N LYS F 141 -11.77 -12.84 -25.13
CA LYS F 141 -10.31 -12.84 -25.33
C LYS F 141 -9.66 -12.17 -24.12
N ARG F 142 -10.15 -10.97 -23.81
CA ARG F 142 -9.64 -10.18 -22.68
C ARG F 142 -9.79 -10.90 -21.34
N ASN F 143 -10.84 -11.71 -21.19
CA ASN F 143 -11.11 -12.41 -19.93
C ASN F 143 -10.08 -13.49 -19.63
N GLU F 144 -9.43 -14.01 -20.66
CA GLU F 144 -8.39 -15.03 -20.50
C GLU F 144 -7.06 -14.42 -20.05
N LEU F 145 -6.84 -13.14 -20.38
CA LEU F 145 -5.56 -12.49 -20.08
C LEU F 145 -5.44 -12.10 -18.61
N TYR F 146 -4.21 -11.80 -18.19
CA TYR F 146 -3.91 -11.34 -16.84
C TYR F 146 -4.54 -9.96 -16.62
N THR F 147 -5.43 -9.86 -15.64
CA THR F 147 -6.14 -8.61 -15.36
C THR F 147 -5.37 -7.65 -14.45
N GLY F 148 -4.17 -8.04 -14.00
CA GLY F 148 -3.38 -7.20 -13.13
C GLY F 148 -3.55 -7.55 -11.66
N PRO F 149 -2.74 -6.96 -10.79
CA PRO F 149 -2.83 -7.25 -9.36
C PRO F 149 -4.04 -6.57 -8.74
N LEU F 150 -4.34 -6.93 -7.49
CA LEU F 150 -5.38 -6.25 -6.73
C LEU F 150 -4.83 -4.88 -6.31
N VAL F 151 -5.38 -3.82 -6.91
CA VAL F 151 -4.88 -2.47 -6.68
C VAL F 151 -5.06 -2.01 -5.23
N HIS F 152 -6.12 -2.49 -4.59
CA HIS F 152 -6.41 -2.14 -3.20
C HIS F 152 -5.49 -2.85 -2.19
N GLU F 153 -4.53 -3.61 -2.69
CA GLU F 153 -3.48 -4.22 -1.88
C GLU F 153 -2.09 -3.74 -2.33
N LEU F 154 -2.06 -2.67 -3.12
CA LEU F 154 -0.81 -2.05 -3.54
C LEU F 154 -0.48 -0.95 -2.53
N ASP F 155 0.81 -0.71 -2.35
CA ASP F 155 1.27 0.31 -1.40
C ASP F 155 0.93 1.73 -1.89
N TYR F 156 1.13 2.69 -0.99
CA TYR F 156 0.76 4.08 -1.26
C TYR F 156 1.63 4.74 -2.32
N ASP F 157 2.94 4.52 -2.26
CA ASP F 157 3.85 5.20 -3.17
C ASP F 157 3.62 4.81 -4.63
N LEU F 158 3.44 3.53 -4.91
CA LEU F 158 3.21 3.08 -6.27
C LEU F 158 1.87 3.60 -6.80
N LEU F 159 0.81 3.35 -6.05
CA LEU F 159 -0.54 3.74 -6.47
C LEU F 159 -0.66 5.25 -6.65
N ASN F 160 -0.14 6.00 -5.68
CA ASN F 160 -0.17 7.47 -5.73
C ASN F 160 0.56 8.04 -6.94
N CYS F 161 1.62 7.37 -7.39
CA CYS F 161 2.31 7.76 -8.61
C CYS F 161 1.47 7.48 -9.86
N VAL F 162 0.73 6.37 -9.86
CA VAL F 162 -0.15 6.06 -10.98
C VAL F 162 -1.23 7.15 -11.08
N MET F 163 -1.76 7.55 -9.92
CA MET F 163 -2.76 8.59 -9.84
C MET F 163 -2.27 9.90 -10.44
N THR F 164 -1.05 10.30 -10.06
CA THR F 164 -0.42 11.52 -10.55
C THR F 164 -0.16 11.45 -12.04
N TYR F 165 0.31 10.28 -12.49
CA TYR F 165 0.53 10.00 -13.91
C TYR F 165 -0.75 10.23 -14.71
N LEU F 166 -1.90 9.88 -14.12
CA LEU F 166 -3.18 10.07 -14.78
C LEU F 166 -3.64 11.53 -14.72
N GLU F 167 -3.40 12.19 -13.59
CA GLU F 167 -3.79 13.60 -13.42
C GLU F 167 -3.08 14.48 -14.45
N LYS F 168 -1.78 14.24 -14.63
CA LYS F 168 -0.97 14.93 -15.62
C LYS F 168 -1.62 14.91 -17.01
N ARG F 169 -2.28 13.80 -17.35
CA ARG F 169 -2.92 13.64 -18.66
C ARG F 169 -4.36 14.16 -18.74
N GLY F 170 -4.82 14.85 -17.71
CA GLY F 170 -6.17 15.41 -17.70
C GLY F 170 -7.21 14.47 -17.12
N VAL F 171 -6.81 13.27 -16.75
CA VAL F 171 -7.71 12.33 -16.07
C VAL F 171 -7.69 12.69 -14.60
N ASP F 172 -8.54 13.65 -14.24
CA ASP F 172 -8.56 14.22 -12.88
C ASP F 172 -9.99 14.36 -12.36
N GLU F 173 -10.16 15.06 -11.23
CA GLU F 173 -11.47 15.21 -10.60
C GLU F 173 -12.43 16.06 -11.44
N LYS F 174 -11.87 16.99 -12.20
CA LYS F 174 -12.66 17.84 -13.09
C LYS F 174 -13.22 17.05 -14.27
N LEU F 175 -12.46 16.07 -14.74
CA LEU F 175 -12.92 15.18 -15.79
C LEU F 175 -13.98 14.23 -15.24
N GLY F 176 -13.75 13.76 -14.02
CA GLY F 176 -14.71 12.92 -13.34
C GLY F 176 -16.04 13.63 -13.18
N GLU F 177 -15.98 14.91 -12.82
CA GLU F 177 -17.16 15.75 -12.65
C GLU F 177 -17.92 15.91 -13.96
N PHE F 178 -17.19 16.07 -15.06
CA PHE F 178 -17.80 16.17 -16.39
C PHE F 178 -18.55 14.90 -16.76
N VAL F 179 -17.95 13.75 -16.47
CA VAL F 179 -18.56 12.48 -16.84
C VAL F 179 -19.88 12.32 -16.11
N VAL F 180 -19.89 12.67 -14.84
CA VAL F 180 -21.08 12.57 -14.00
C VAL F 180 -22.17 13.51 -14.50
N LEU F 181 -21.83 14.76 -14.77
CA LEU F 181 -22.82 15.75 -15.20
C LEU F 181 -23.37 15.39 -16.59
N TYR F 182 -22.49 14.94 -17.47
CA TYR F 182 -22.90 14.54 -18.82
C TYR F 182 -23.87 13.37 -18.75
N SER F 183 -23.61 12.45 -17.82
CA SER F 183 -24.44 11.27 -17.62
C SER F 183 -25.82 11.65 -17.13
N PHE F 184 -25.89 12.52 -16.13
CA PHE F 184 -27.18 13.00 -15.64
C PHE F 184 -27.97 13.62 -16.78
N TRP F 185 -27.29 14.39 -17.63
CA TRP F 185 -27.94 15.07 -18.75
C TRP F 185 -28.46 14.11 -19.82
N ALA F 186 -27.66 13.09 -20.16
CA ALA F 186 -28.02 12.14 -21.20
C ALA F 186 -29.13 11.19 -20.72
N GLU F 187 -29.09 10.83 -19.45
CA GLU F 187 -30.10 9.97 -18.86
C GLU F 187 -31.45 10.67 -18.91
N GLN F 188 -31.45 11.98 -18.68
CA GLN F 188 -32.67 12.78 -18.75
C GLN F 188 -33.23 12.79 -20.17
N GLN F 189 -32.34 12.85 -21.15
CA GLN F 189 -32.73 12.88 -22.56
C GLN F 189 -33.30 11.55 -23.02
N ASP F 190 -32.64 10.46 -22.68
CA ASP F 190 -33.11 9.13 -23.06
C ASP F 190 -34.39 8.76 -22.31
N TYR F 191 -34.52 9.26 -21.08
CA TYR F 191 -35.73 9.04 -20.30
C TYR F 191 -36.93 9.67 -21.01
N GLU F 192 -36.72 10.84 -21.60
CA GLU F 192 -37.79 11.52 -22.34
C GLU F 192 -38.15 10.75 -23.62
N ALA F 193 -37.15 10.22 -24.32
CA ALA F 193 -37.38 9.37 -25.48
C ALA F 193 -38.09 8.09 -25.05
N TRP F 194 -37.70 7.58 -23.90
CA TRP F 194 -38.29 6.37 -23.35
C TRP F 194 -39.77 6.60 -23.07
N LEU F 195 -40.11 7.77 -22.52
CA LEU F 195 -41.49 8.11 -22.22
C LEU F 195 -42.32 8.23 -23.50
N THR F 196 -41.71 8.79 -24.54
CA THR F 196 -42.39 8.97 -25.83
C THR F 196 -42.71 7.64 -26.48
N THR F 197 -41.76 6.71 -26.48
CA THR F 197 -41.99 5.38 -27.04
C THR F 197 -43.04 4.64 -26.22
N MET F 198 -42.92 4.73 -24.89
CA MET F 198 -43.88 4.12 -23.97
C MET F 198 -45.27 4.63 -24.32
N ASN F 199 -45.39 5.94 -24.52
CA ASN F 199 -46.64 6.58 -24.86
C ASN F 199 -47.20 6.08 -26.20
N LYS F 200 -46.31 5.86 -27.17
CA LYS F 200 -46.71 5.36 -28.48
C LYS F 200 -47.30 3.94 -28.38
N PHE F 201 -46.75 3.13 -27.48
CA PHE F 201 -47.21 1.76 -27.28
C PHE F 201 -48.60 1.74 -26.64
N ALA F 202 -48.82 2.67 -25.72
CA ALA F 202 -50.10 2.79 -25.02
C ALA F 202 -51.17 3.48 -25.88
N SER F 203 -50.79 3.88 -27.09
CA SER F 203 -51.71 4.48 -28.04
C SER F 203 -52.06 3.46 -29.11
#